data_2MB1
#
_entry.id   2MB1
#
_entity_poly.entity_id   1
_entity_poly.type   'polypeptide(L)'
_entity_poly.pdbx_seq_one_letter_code
;AQPKCNPNLHYWTTQDEGAAIGLAWIPYFGPAAEGIYAEGLMHNQDGLICGLRQ
;
_entity_poly.pdbx_strand_id   A
#
# COMPACT_ATOMS: atom_id res chain seq x y z
N ALA A 1 10.10 -16.36 6.38
CA ALA A 1 9.36 -15.81 5.21
C ALA A 1 10.15 -14.67 4.56
N GLN A 2 9.92 -14.47 3.28
CA GLN A 2 10.60 -13.41 2.54
C GLN A 2 9.59 -12.53 1.79
N PRO A 3 8.92 -11.62 2.50
CA PRO A 3 7.93 -10.72 1.91
C PRO A 3 8.59 -9.73 0.96
N LYS A 4 9.41 -8.85 1.53
CA LYS A 4 10.13 -7.84 0.75
C LYS A 4 10.94 -6.96 1.69
N CYS A 5 10.40 -6.73 2.87
CA CYS A 5 11.06 -5.91 3.88
C CYS A 5 11.65 -4.64 3.28
N ASN A 6 10.78 -3.78 2.76
CA ASN A 6 11.20 -2.52 2.15
C ASN A 6 10.38 -1.36 2.71
N PRO A 7 10.74 -0.84 3.88
CA PRO A 7 10.02 0.27 4.52
C PRO A 7 10.38 1.63 3.92
N ASN A 8 10.91 1.63 2.71
CA ASN A 8 11.28 2.87 2.03
C ASN A 8 10.17 3.32 1.09
N LEU A 9 9.44 2.37 0.53
CA LEU A 9 8.34 2.67 -0.38
C LEU A 9 7.07 3.00 0.38
N HIS A 10 7.03 4.19 0.97
CA HIS A 10 5.87 4.63 1.75
C HIS A 10 4.69 4.97 0.83
N TYR A 11 4.96 5.13 -0.46
CA TYR A 11 3.91 5.47 -1.42
C TYR A 11 3.09 4.24 -1.81
N TRP A 12 3.75 3.29 -2.49
CA TRP A 12 3.07 2.07 -2.93
C TRP A 12 2.74 1.16 -1.75
N THR A 13 3.32 1.42 -0.60
CA THR A 13 3.09 0.61 0.59
C THR A 13 3.42 -0.87 0.32
N THR A 14 2.52 -1.58 -0.35
CA THR A 14 2.75 -2.98 -0.68
C THR A 14 1.51 -3.54 -1.37
N GLN A 15 0.40 -3.54 -0.65
CA GLN A 15 -0.85 -4.02 -1.22
C GLN A 15 -1.37 -2.99 -2.21
N ASP A 16 -0.76 -1.81 -2.17
CA ASP A 16 -1.14 -0.75 -3.08
C ASP A 16 -0.26 -0.75 -4.32
N GLU A 17 0.81 -1.55 -4.27
CA GLU A 17 1.75 -1.66 -5.38
C GLU A 17 1.01 -1.82 -6.72
N GLY A 18 -0.19 -2.38 -6.67
CA GLY A 18 -0.96 -2.57 -7.88
C GLY A 18 -1.82 -3.81 -7.83
N ALA A 19 -2.44 -4.05 -6.68
CA ALA A 19 -3.29 -5.23 -6.52
C ALA A 19 -4.77 -4.87 -6.64
N ALA A 20 -5.24 -3.99 -5.78
CA ALA A 20 -6.64 -3.57 -5.81
C ALA A 20 -6.73 -2.07 -5.72
N ILE A 21 -5.79 -1.42 -6.39
CA ILE A 21 -5.72 0.03 -6.40
C ILE A 21 -6.39 0.65 -7.62
N GLY A 22 -6.92 -0.19 -8.50
CA GLY A 22 -7.57 0.29 -9.70
C GLY A 22 -8.73 1.25 -9.44
N LEU A 23 -9.17 1.34 -8.18
CA LEU A 23 -10.29 2.23 -7.87
C LEU A 23 -9.82 3.56 -7.28
N ALA A 24 -8.80 3.50 -6.44
CA ALA A 24 -8.28 4.70 -5.79
C ALA A 24 -6.97 5.20 -6.40
N TRP A 25 -6.48 4.53 -7.43
CA TRP A 25 -5.22 4.93 -8.05
C TRP A 25 -5.36 6.23 -8.85
N ILE A 26 -6.25 7.11 -8.42
CA ILE A 26 -6.45 8.39 -9.10
C ILE A 26 -7.14 9.40 -8.17
N PRO A 27 -6.42 9.88 -7.14
CA PRO A 27 -6.96 10.86 -6.19
C PRO A 27 -7.59 12.05 -6.90
N TYR A 28 -8.92 12.08 -6.95
CA TYR A 28 -9.63 13.16 -7.62
C TYR A 28 -10.07 14.25 -6.64
N PHE A 29 -10.82 13.86 -5.60
CA PHE A 29 -11.30 14.82 -4.62
C PHE A 29 -10.77 14.54 -3.21
N GLY A 30 -10.61 13.27 -2.90
CA GLY A 30 -10.13 12.89 -1.58
C GLY A 30 -8.61 12.84 -1.51
N PRO A 31 -8.05 12.41 -0.36
CA PRO A 31 -6.61 12.31 -0.17
C PRO A 31 -5.96 11.43 -1.22
N ALA A 32 -4.76 10.93 -0.93
CA ALA A 32 -4.04 10.08 -1.86
C ALA A 32 -4.97 9.04 -2.49
N ALA A 33 -5.74 8.34 -1.65
CA ALA A 33 -6.67 7.32 -2.12
C ALA A 33 -5.95 6.08 -2.62
N GLU A 34 -4.93 6.33 -3.43
CA GLU A 34 -4.11 5.27 -4.03
C GLU A 34 -3.89 4.10 -3.08
N GLY A 35 -3.89 4.37 -1.78
CA GLY A 35 -3.71 3.32 -0.80
C GLY A 35 -4.80 3.33 0.25
N ILE A 36 -5.06 4.50 0.81
CA ILE A 36 -6.08 4.66 1.84
C ILE A 36 -7.50 4.44 1.32
N TYR A 37 -7.71 4.65 0.01
CA TYR A 37 -9.03 4.46 -0.57
C TYR A 37 -9.04 3.32 -1.58
N ALA A 38 -7.85 2.81 -1.88
CA ALA A 38 -7.69 1.69 -2.81
C ALA A 38 -7.54 0.40 -2.02
N GLU A 39 -6.89 0.51 -0.86
CA GLU A 39 -6.66 -0.64 0.00
C GLU A 39 -7.35 -0.46 1.35
N GLY A 40 -7.42 0.79 1.80
CA GLY A 40 -8.04 1.09 3.08
C GLY A 40 -7.72 0.09 4.18
N LEU A 41 -6.45 -0.33 4.26
CA LEU A 41 -6.06 -1.29 5.30
C LEU A 41 -4.54 -1.51 5.33
N MET A 42 -3.98 -2.02 4.23
CA MET A 42 -2.56 -2.28 4.14
C MET A 42 -1.81 -1.11 3.51
N HIS A 43 -2.49 0.02 3.35
CA HIS A 43 -1.88 1.19 2.75
C HIS A 43 -0.76 1.72 3.65
N ASN A 44 -0.68 1.21 4.87
CA ASN A 44 0.33 1.65 5.82
C ASN A 44 1.56 0.74 5.81
N GLN A 45 1.33 -0.56 5.74
CA GLN A 45 2.41 -1.53 5.73
C GLN A 45 3.30 -1.34 4.51
N ASP A 46 4.09 -0.27 4.53
CA ASP A 46 4.98 0.07 3.44
C ASP A 46 6.35 -0.57 3.62
N GLY A 47 6.41 -1.64 4.41
CA GLY A 47 7.66 -2.32 4.65
C GLY A 47 7.97 -2.42 6.14
N LEU A 48 7.49 -1.43 6.89
CA LEU A 48 7.68 -1.39 8.33
C LEU A 48 7.14 -2.66 8.96
N ILE A 49 5.89 -2.95 8.65
CA ILE A 49 5.21 -4.13 9.15
C ILE A 49 5.62 -5.37 8.36
N CYS A 50 6.91 -5.65 8.36
CA CYS A 50 7.45 -6.80 7.64
C CYS A 50 7.13 -8.12 8.36
N GLY A 51 6.56 -8.02 9.56
CA GLY A 51 6.23 -9.20 10.32
C GLY A 51 5.11 -10.02 9.70
N LEU A 52 4.48 -9.51 8.65
CA LEU A 52 3.40 -10.23 7.98
C LEU A 52 3.83 -11.64 7.58
N ARG A 53 4.86 -11.72 6.75
CA ARG A 53 5.38 -13.01 6.30
C ARG A 53 4.29 -13.83 5.62
N GLN A 54 4.69 -14.87 4.90
CA GLN A 54 3.76 -15.73 4.19
C GLN A 54 2.99 -14.96 3.12
N ALA A 1 10.71 -16.41 7.47
CA ALA A 1 10.03 -15.82 6.30
C ALA A 1 10.90 -14.78 5.62
N GLN A 2 10.56 -14.44 4.38
CA GLN A 2 11.31 -13.45 3.62
C GLN A 2 10.39 -12.38 3.05
N PRO A 3 9.96 -11.43 3.90
CA PRO A 3 9.06 -10.34 3.48
C PRO A 3 9.79 -9.27 2.66
N LYS A 4 11.11 -9.36 2.59
CA LYS A 4 11.94 -8.42 1.85
C LYS A 4 12.21 -7.14 2.67
N CYS A 5 11.26 -6.80 3.51
CA CYS A 5 11.37 -5.61 4.36
C CYS A 5 11.89 -4.40 3.58
N ASN A 6 10.96 -3.64 3.02
CA ASN A 6 11.30 -2.46 2.25
C ASN A 6 10.45 -1.27 2.69
N PRO A 7 10.79 -0.66 3.84
CA PRO A 7 10.05 0.48 4.39
C PRO A 7 10.41 1.81 3.72
N ASN A 8 10.93 1.74 2.50
CA ASN A 8 11.31 2.94 1.77
C ASN A 8 10.21 3.35 0.80
N LEU A 9 9.44 2.37 0.33
CA LEU A 9 8.35 2.64 -0.61
C LEU A 9 7.04 2.90 0.15
N HIS A 10 6.95 4.06 0.78
CA HIS A 10 5.76 4.44 1.54
C HIS A 10 4.61 4.87 0.62
N TYR A 11 4.90 4.99 -0.68
CA TYR A 11 3.88 5.40 -1.64
C TYR A 11 3.06 4.21 -2.13
N TRP A 12 3.74 3.14 -2.54
CA TRP A 12 3.06 1.95 -3.03
C TRP A 12 2.73 0.97 -1.91
N THR A 13 3.29 1.20 -0.73
CA THR A 13 3.04 0.33 0.43
C THR A 13 3.40 -1.12 0.10
N THR A 14 2.52 -1.82 -0.60
CA THR A 14 2.76 -3.21 -0.97
C THR A 14 1.57 -3.73 -1.76
N GLN A 15 0.41 -3.77 -1.10
CA GLN A 15 -0.81 -4.20 -1.76
C GLN A 15 -1.29 -3.10 -2.69
N ASP A 16 -0.68 -1.93 -2.55
CA ASP A 16 -1.02 -0.80 -3.39
C ASP A 16 -0.09 -0.72 -4.59
N GLU A 17 0.97 -1.52 -4.57
CA GLU A 17 1.95 -1.55 -5.66
C GLU A 17 1.27 -1.57 -7.02
N GLY A 18 0.05 -2.11 -7.07
CA GLY A 18 -0.69 -2.17 -8.32
C GLY A 18 -1.59 -3.39 -8.39
N ALA A 19 -2.25 -3.70 -7.28
CA ALA A 19 -3.13 -4.86 -7.23
C ALA A 19 -4.60 -4.47 -7.36
N ALA A 20 -5.08 -3.65 -6.43
CA ALA A 20 -6.47 -3.20 -6.45
C ALA A 20 -6.53 -1.70 -6.26
N ILE A 21 -5.55 -1.03 -6.84
CA ILE A 21 -5.45 0.41 -6.75
C ILE A 21 -6.07 1.13 -7.94
N GLY A 22 -6.60 0.37 -8.88
CA GLY A 22 -7.21 0.95 -10.06
C GLY A 22 -8.39 1.87 -9.76
N LEU A 23 -8.86 1.87 -8.52
CA LEU A 23 -9.99 2.72 -8.14
C LEU A 23 -9.53 4.01 -7.47
N ALA A 24 -8.44 3.92 -6.72
CA ALA A 24 -7.90 5.08 -6.01
C ALA A 24 -6.67 5.66 -6.68
N TRP A 25 -6.26 5.10 -7.81
CA TRP A 25 -5.09 5.57 -8.51
C TRP A 25 -5.32 6.94 -9.17
N ILE A 26 -6.19 7.75 -8.57
CA ILE A 26 -6.49 9.08 -9.08
C ILE A 26 -7.12 9.94 -7.99
N PRO A 27 -6.30 10.43 -7.04
CA PRO A 27 -6.76 11.26 -5.92
C PRO A 27 -7.87 12.24 -6.31
N TYR A 28 -9.11 11.77 -6.27
CA TYR A 28 -10.26 12.60 -6.62
C TYR A 28 -10.91 13.20 -5.38
N PHE A 29 -11.17 12.35 -4.39
CA PHE A 29 -11.80 12.78 -3.14
C PHE A 29 -10.99 13.88 -2.45
N GLY A 30 -9.67 13.81 -2.58
CA GLY A 30 -8.81 14.80 -1.95
C GLY A 30 -7.53 14.19 -1.40
N PRO A 31 -7.63 13.32 -0.39
CA PRO A 31 -6.46 12.68 0.21
C PRO A 31 -5.67 11.89 -0.82
N ALA A 32 -4.77 11.04 -0.33
CA ALA A 32 -3.96 10.22 -1.21
C ALA A 32 -4.83 9.30 -2.03
N ALA A 33 -5.72 8.57 -1.35
CA ALA A 33 -6.64 7.64 -2.01
C ALA A 33 -5.90 6.45 -2.60
N GLU A 34 -4.90 6.75 -3.41
CA GLU A 34 -4.08 5.76 -4.09
C GLU A 34 -3.81 4.54 -3.20
N GLY A 35 -3.80 4.74 -1.89
CA GLY A 35 -3.58 3.65 -0.97
C GLY A 35 -4.70 3.51 0.04
N ILE A 36 -5.09 4.63 0.64
CA ILE A 36 -6.15 4.65 1.64
C ILE A 36 -7.54 4.44 1.03
N TYR A 37 -7.68 4.73 -0.27
CA TYR A 37 -8.95 4.56 -0.95
C TYR A 37 -8.89 3.42 -1.96
N ALA A 38 -7.67 2.91 -2.16
CA ALA A 38 -7.44 1.81 -3.09
C ALA A 38 -7.24 0.52 -2.32
N GLU A 39 -6.66 0.64 -1.14
CA GLU A 39 -6.41 -0.52 -0.28
C GLU A 39 -7.15 -0.40 1.05
N GLY A 40 -7.29 0.83 1.52
CA GLY A 40 -7.99 1.09 2.76
C GLY A 40 -7.72 0.06 3.84
N LEU A 41 -6.48 -0.44 3.93
CA LEU A 41 -6.16 -1.41 4.96
C LEU A 41 -4.66 -1.70 5.05
N MET A 42 -4.07 -2.21 3.98
CA MET A 42 -2.64 -2.51 3.98
C MET A 42 -1.84 -1.38 3.34
N HIS A 43 -2.50 -0.24 3.13
CA HIS A 43 -1.86 0.92 2.54
C HIS A 43 -0.74 1.44 3.45
N ASN A 44 -0.68 0.93 4.68
CA ASN A 44 0.32 1.37 5.63
C ASN A 44 1.54 0.44 5.64
N GLN A 45 1.31 -0.84 5.44
CA GLN A 45 2.39 -1.81 5.44
C GLN A 45 3.32 -1.58 4.25
N ASP A 46 4.08 -0.50 4.32
CA ASP A 46 5.02 -0.14 3.25
C ASP A 46 6.41 -0.71 3.53
N GLY A 47 6.49 -1.74 4.35
CA GLY A 47 7.77 -2.33 4.68
C GLY A 47 8.01 -2.35 6.17
N LEU A 48 7.48 -1.35 6.85
CA LEU A 48 7.62 -1.25 8.30
C LEU A 48 7.02 -2.47 8.97
N ILE A 49 5.73 -2.69 8.70
CA ILE A 49 4.99 -3.81 9.24
C ILE A 49 5.43 -5.11 8.59
N CYS A 50 6.69 -5.46 8.79
CA CYS A 50 7.27 -6.69 8.24
C CYS A 50 6.69 -7.93 8.91
N GLY A 51 5.99 -7.74 10.02
CA GLY A 51 5.41 -8.86 10.74
C GLY A 51 4.54 -9.74 9.87
N LEU A 52 4.06 -9.18 8.76
CA LEU A 52 3.20 -9.92 7.84
C LEU A 52 3.80 -11.28 7.48
N ARG A 53 5.09 -11.29 7.17
CA ARG A 53 5.79 -12.51 6.81
C ARG A 53 5.04 -13.30 5.73
N GLN A 54 5.56 -14.46 5.36
CA GLN A 54 4.95 -15.30 4.35
C GLN A 54 4.71 -14.51 3.06
N ALA A 1 6.44 -16.40 5.21
CA ALA A 1 7.00 -16.09 3.87
C ALA A 1 8.12 -15.05 3.97
N GLN A 2 8.53 -14.53 2.83
CA GLN A 2 9.60 -13.53 2.78
C GLN A 2 9.16 -12.31 1.96
N PRO A 3 8.65 -11.27 2.62
CA PRO A 3 8.20 -10.05 1.94
C PRO A 3 9.37 -9.16 1.52
N LYS A 4 10.53 -9.40 2.12
CA LYS A 4 11.75 -8.63 1.83
C LYS A 4 11.85 -7.40 2.74
N CYS A 5 10.75 -7.04 3.37
CA CYS A 5 10.70 -5.89 4.26
C CYS A 5 11.35 -4.67 3.61
N ASN A 6 10.59 -3.98 2.76
CA ASN A 6 11.08 -2.79 2.08
C ASN A 6 10.39 -1.55 2.63
N PRO A 7 10.83 -1.07 3.80
CA PRO A 7 10.25 0.13 4.44
C PRO A 7 10.69 1.44 3.79
N ASN A 8 11.19 1.35 2.55
CA ASN A 8 11.65 2.53 1.83
C ASN A 8 10.55 3.04 0.89
N LEU A 9 9.78 2.11 0.34
CA LEU A 9 8.70 2.47 -0.58
C LEU A 9 7.47 2.96 0.18
N HIS A 10 7.56 4.19 0.69
CA HIS A 10 6.46 4.78 1.45
C HIS A 10 5.36 5.32 0.52
N TYR A 11 5.63 5.32 -0.79
CA TYR A 11 4.66 5.82 -1.75
C TYR A 11 3.55 4.80 -2.00
N TRP A 12 3.93 3.62 -2.48
CA TRP A 12 2.96 2.56 -2.77
C TRP A 12 2.75 1.65 -1.57
N THR A 13 3.36 1.98 -0.44
CA THR A 13 3.23 1.19 0.78
C THR A 13 3.60 -0.27 0.53
N THR A 14 2.71 -1.03 -0.11
CA THR A 14 2.97 -2.43 -0.40
C THR A 14 1.73 -3.04 -1.06
N GLN A 15 0.64 -3.06 -0.32
CA GLN A 15 -0.61 -3.57 -0.83
C GLN A 15 -1.15 -2.63 -1.89
N ASP A 16 -0.56 -1.44 -1.95
CA ASP A 16 -0.98 -0.45 -2.92
C ASP A 16 -0.11 -0.54 -4.18
N GLU A 17 0.98 -1.29 -4.11
CA GLU A 17 1.88 -1.47 -5.23
C GLU A 17 1.12 -1.74 -6.53
N GLY A 18 -0.06 -2.32 -6.41
CA GLY A 18 -0.86 -2.61 -7.58
C GLY A 18 -1.64 -3.90 -7.43
N ALA A 19 -2.23 -4.10 -6.25
CA ALA A 19 -3.01 -5.31 -5.98
C ALA A 19 -4.51 -5.04 -6.09
N ALA A 20 -5.00 -4.15 -5.25
CA ALA A 20 -6.42 -3.80 -5.25
C ALA A 20 -6.59 -2.30 -5.27
N ILE A 21 -5.72 -1.64 -6.02
CA ILE A 21 -5.72 -0.21 -6.12
C ILE A 21 -6.49 0.30 -7.34
N GLY A 22 -7.02 -0.63 -8.13
CA GLY A 22 -7.77 -0.26 -9.32
C GLY A 22 -8.95 0.68 -9.05
N LEU A 23 -9.36 0.79 -7.79
CA LEU A 23 -10.49 1.66 -7.46
C LEU A 23 -10.04 3.02 -6.94
N ALA A 24 -8.92 3.05 -6.24
CA ALA A 24 -8.40 4.29 -5.67
C ALA A 24 -7.22 4.85 -6.45
N TRP A 25 -6.84 4.20 -7.54
CA TRP A 25 -5.70 4.66 -8.34
C TRP A 25 -5.99 5.98 -9.05
N ILE A 26 -6.83 6.82 -8.46
CA ILE A 26 -7.16 8.11 -9.04
C ILE A 26 -7.73 9.05 -7.98
N PRO A 27 -6.87 9.54 -7.06
CA PRO A 27 -7.29 10.44 -5.98
C PRO A 27 -8.15 11.59 -6.47
N TYR A 28 -9.46 11.36 -6.50
CA TYR A 28 -10.41 12.38 -6.96
C TYR A 28 -11.01 13.14 -5.78
N PHE A 29 -11.38 12.40 -4.73
CA PHE A 29 -11.98 13.00 -3.55
C PHE A 29 -11.06 14.06 -2.92
N GLY A 30 -9.76 13.82 -2.99
CA GLY A 30 -8.81 14.75 -2.42
C GLY A 30 -7.55 14.07 -1.92
N PRO A 31 -7.67 13.22 -0.88
CA PRO A 31 -6.52 12.51 -0.32
C PRO A 31 -5.80 11.68 -1.37
N ALA A 32 -4.98 10.75 -0.91
CA ALA A 32 -4.23 9.89 -1.82
C ALA A 32 -5.17 8.87 -2.46
N ALA A 33 -6.00 8.23 -1.64
CA ALA A 33 -6.94 7.22 -2.14
C ALA A 33 -6.22 5.96 -2.57
N GLU A 34 -5.25 6.14 -3.45
CA GLU A 34 -4.44 5.06 -3.99
C GLU A 34 -4.13 3.97 -2.95
N GLY A 35 -4.10 4.36 -1.68
CA GLY A 35 -3.83 3.38 -0.63
C GLY A 35 -4.90 3.41 0.45
N ILE A 36 -5.35 4.59 0.81
CA ILE A 36 -6.36 4.75 1.85
C ILE A 36 -7.77 4.48 1.33
N TYR A 37 -7.96 4.61 0.02
CA TYR A 37 -9.27 4.36 -0.59
C TYR A 37 -9.24 3.11 -1.46
N ALA A 38 -8.03 2.58 -1.64
CA ALA A 38 -7.84 1.37 -2.43
C ALA A 38 -7.61 0.20 -1.51
N GLU A 39 -6.91 0.46 -0.42
CA GLU A 39 -6.61 -0.56 0.58
C GLU A 39 -7.21 -0.20 1.94
N GLY A 40 -7.27 1.10 2.22
CA GLY A 40 -7.80 1.58 3.48
C GLY A 40 -7.45 0.69 4.66
N LEU A 41 -6.19 0.31 4.78
CA LEU A 41 -5.78 -0.55 5.89
C LEU A 41 -4.26 -0.76 5.91
N MET A 42 -3.71 -1.28 4.82
CA MET A 42 -2.29 -1.53 4.72
C MET A 42 -1.57 -0.39 4.02
N HIS A 43 -2.27 0.73 3.83
CA HIS A 43 -1.69 1.88 3.17
C HIS A 43 -0.51 2.43 4.00
N ASN A 44 -0.37 1.94 5.22
CA ASN A 44 0.69 2.39 6.10
C ASN A 44 1.88 1.45 6.05
N GLN A 45 1.61 0.15 6.01
CA GLN A 45 2.65 -0.86 5.96
C GLN A 45 3.51 -0.71 4.71
N ASP A 46 4.35 0.31 4.71
CA ASP A 46 5.23 0.58 3.59
C ASP A 46 6.51 -0.26 3.65
N GLY A 47 6.45 -1.36 4.37
CA GLY A 47 7.61 -2.22 4.52
C GLY A 47 7.96 -2.45 5.97
N LEU A 48 7.59 -1.49 6.81
CA LEU A 48 7.84 -1.58 8.24
C LEU A 48 7.17 -2.81 8.81
N ILE A 49 5.87 -2.92 8.54
CA ILE A 49 5.05 -4.02 9.01
C ILE A 49 5.16 -5.22 8.07
N CYS A 50 6.39 -5.65 7.81
CA CYS A 50 6.63 -6.78 6.92
C CYS A 50 6.29 -8.11 7.62
N GLY A 51 5.98 -8.05 8.91
CA GLY A 51 5.64 -9.25 9.65
C GLY A 51 4.47 -10.00 9.04
N LEU A 52 3.76 -9.37 8.12
CA LEU A 52 2.61 -9.98 7.47
C LEU A 52 2.92 -11.41 7.01
N ARG A 53 4.01 -11.56 6.27
CA ARG A 53 4.42 -12.86 5.76
C ARG A 53 3.26 -13.55 5.03
N GLN A 54 3.47 -14.81 4.63
CA GLN A 54 2.45 -15.57 3.93
C GLN A 54 2.16 -14.96 2.55
N ALA A 1 10.60 -16.03 3.96
CA ALA A 1 9.93 -15.24 2.91
C ALA A 1 10.79 -14.04 2.50
N GLN A 2 10.38 -13.36 1.44
CA GLN A 2 11.12 -12.20 0.95
C GLN A 2 10.18 -11.01 0.77
N PRO A 3 9.89 -10.27 1.86
CA PRO A 3 9.01 -9.11 1.82
C PRO A 3 9.75 -7.84 1.42
N LYS A 4 11.08 -7.90 1.40
CA LYS A 4 11.92 -6.76 1.06
C LYS A 4 12.09 -5.82 2.25
N CYS A 5 11.11 -5.85 3.15
CA CYS A 5 11.13 -5.02 4.34
C CYS A 5 11.57 -3.59 4.04
N ASN A 6 10.72 -2.86 3.33
CA ASN A 6 11.01 -1.48 2.98
C ASN A 6 9.97 -0.54 3.59
N PRO A 7 10.15 -0.19 4.88
CA PRO A 7 9.22 0.70 5.60
C PRO A 7 9.37 2.17 5.21
N ASN A 8 9.99 2.42 4.05
CA ASN A 8 10.19 3.78 3.57
C ASN A 8 9.09 4.17 2.58
N LEU A 9 8.63 3.19 1.80
CA LEU A 9 7.58 3.43 0.82
C LEU A 9 6.20 3.33 1.44
N HIS A 10 5.84 4.37 2.21
CA HIS A 10 4.54 4.41 2.88
C HIS A 10 3.40 4.64 1.90
N TYR A 11 3.73 4.93 0.64
CA TYR A 11 2.71 5.18 -0.37
C TYR A 11 2.18 3.87 -0.96
N TRP A 12 3.05 3.11 -1.60
CA TRP A 12 2.66 1.85 -2.22
C TRP A 12 2.36 0.79 -1.17
N THR A 13 2.83 1.00 0.06
CA THR A 13 2.62 0.06 1.15
C THR A 13 3.09 -1.35 0.76
N THR A 14 2.28 -2.08 0.01
CA THR A 14 2.64 -3.42 -0.44
C THR A 14 1.49 -4.03 -1.23
N GLN A 15 0.36 -4.22 -0.56
CA GLN A 15 -0.82 -4.75 -1.21
C GLN A 15 -1.41 -3.69 -2.12
N ASP A 16 -0.91 -2.47 -1.97
CA ASP A 16 -1.37 -1.37 -2.79
C ASP A 16 -0.56 -1.29 -4.09
N GLU A 17 0.52 -2.05 -4.14
CA GLU A 17 1.40 -2.08 -5.31
C GLU A 17 0.61 -2.17 -6.61
N GLY A 18 -0.59 -2.74 -6.54
CA GLY A 18 -1.41 -2.87 -7.73
C GLY A 18 -2.28 -4.11 -7.70
N ALA A 19 -2.84 -4.40 -6.53
CA ALA A 19 -3.69 -5.57 -6.38
C ALA A 19 -5.17 -5.21 -6.47
N ALA A 20 -5.62 -4.35 -5.58
CA ALA A 20 -7.02 -3.92 -5.56
C ALA A 20 -7.11 -2.41 -5.42
N ILE A 21 -6.11 -1.76 -5.98
CA ILE A 21 -6.00 -0.31 -5.93
C ILE A 21 -6.58 0.37 -7.17
N GLY A 22 -7.07 -0.43 -8.11
CA GLY A 22 -7.62 0.11 -9.35
C GLY A 22 -8.78 1.08 -9.15
N LEU A 23 -9.24 1.26 -7.93
CA LEU A 23 -10.36 2.17 -7.67
C LEU A 23 -9.88 3.54 -7.20
N ALA A 24 -8.89 3.54 -6.32
CA ALA A 24 -8.35 4.78 -5.77
C ALA A 24 -7.00 5.15 -6.38
N TRP A 25 -6.55 4.34 -7.32
CA TRP A 25 -5.26 4.56 -7.96
C TRP A 25 -5.12 5.96 -8.55
N ILE A 26 -6.20 6.71 -8.61
CA ILE A 26 -6.16 8.06 -9.15
C ILE A 26 -6.92 9.04 -8.25
N PRO A 27 -6.32 9.42 -7.12
CA PRO A 27 -6.94 10.34 -6.16
C PRO A 27 -7.17 11.73 -6.75
N TYR A 28 -8.34 11.92 -7.36
CA TYR A 28 -8.68 13.20 -7.95
C TYR A 28 -8.68 14.29 -6.88
N PHE A 29 -9.45 14.07 -5.82
CA PHE A 29 -9.54 15.01 -4.72
C PHE A 29 -9.04 14.37 -3.41
N GLY A 30 -8.21 13.34 -3.55
CA GLY A 30 -7.68 12.65 -2.38
C GLY A 30 -6.17 12.65 -2.34
N PRO A 31 -5.57 12.57 -1.14
CA PRO A 31 -4.12 12.57 -0.96
C PRO A 31 -3.47 11.26 -1.43
N ALA A 32 -3.36 10.29 -0.53
CA ALA A 32 -2.75 9.01 -0.85
C ALA A 32 -3.81 7.94 -1.13
N ALA A 33 -5.04 8.38 -1.39
CA ALA A 33 -6.16 7.48 -1.67
C ALA A 33 -5.74 6.22 -2.42
N GLU A 34 -4.90 6.40 -3.43
CA GLU A 34 -4.44 5.28 -4.24
C GLU A 34 -3.71 4.22 -3.43
N GLY A 35 -3.46 4.52 -2.15
CA GLY A 35 -2.79 3.57 -1.29
C GLY A 35 -3.59 3.29 -0.03
N ILE A 36 -4.18 4.34 0.53
CA ILE A 36 -4.99 4.23 1.75
C ILE A 36 -6.49 4.13 1.46
N TYR A 37 -6.91 4.54 0.26
CA TYR A 37 -8.32 4.48 -0.11
C TYR A 37 -8.55 3.40 -1.16
N ALA A 38 -7.47 2.95 -1.77
CA ALA A 38 -7.54 1.91 -2.78
C ALA A 38 -7.36 0.53 -2.16
N GLU A 39 -6.86 0.51 -0.92
CA GLU A 39 -6.64 -0.74 -0.21
C GLU A 39 -7.46 -0.80 1.07
N GLY A 40 -7.67 0.35 1.69
CA GLY A 40 -8.44 0.44 2.91
C GLY A 40 -8.27 -0.74 3.84
N LEU A 41 -7.04 -1.23 4.00
CA LEU A 41 -6.81 -2.36 4.90
C LEU A 41 -5.32 -2.66 5.08
N MET A 42 -4.64 -3.00 4.00
CA MET A 42 -3.20 -3.28 4.05
C MET A 42 -2.41 -2.04 3.66
N HIS A 43 -3.10 -0.92 3.57
CA HIS A 43 -2.46 0.34 3.21
C HIS A 43 -1.36 0.71 4.19
N ASN A 44 -1.29 0.00 5.32
CA ASN A 44 -0.30 0.31 6.34
C ASN A 44 0.96 -0.55 6.20
N GLN A 45 0.81 -1.79 5.77
CA GLN A 45 1.95 -2.68 5.60
C GLN A 45 2.90 -2.15 4.53
N ASP A 46 3.58 -1.05 4.86
CA ASP A 46 4.50 -0.41 3.94
C ASP A 46 5.94 -0.75 4.28
N GLY A 47 6.15 -1.86 4.99
CA GLY A 47 7.48 -2.26 5.37
C GLY A 47 7.60 -2.43 6.87
N LEU A 48 6.83 -1.63 7.60
CA LEU A 48 6.83 -1.69 9.06
C LEU A 48 6.32 -3.05 9.50
N ILE A 49 5.21 -3.45 8.92
CA ILE A 49 4.58 -4.72 9.22
C ILE A 49 5.12 -5.82 8.32
N CYS A 50 6.43 -6.04 8.42
CA CYS A 50 7.10 -7.06 7.61
C CYS A 50 6.45 -8.43 7.79
N GLY A 51 5.73 -8.61 8.89
CA GLY A 51 5.07 -9.88 9.16
C GLY A 51 4.30 -10.41 7.97
N LEU A 52 3.90 -9.52 7.06
CA LEU A 52 3.14 -9.92 5.88
C LEU A 52 3.87 -11.01 5.11
N ARG A 53 5.18 -10.84 4.94
CA ARG A 53 5.99 -11.81 4.22
C ARG A 53 5.49 -12.00 2.79
N GLN A 54 6.27 -12.68 1.97
CA GLN A 54 5.92 -12.92 0.57
C GLN A 54 5.82 -11.60 -0.18
N ALA A 1 12.22 -17.26 4.82
CA ALA A 1 11.17 -16.20 4.79
C ALA A 1 11.69 -14.93 4.15
N GLN A 2 10.90 -14.37 3.23
CA GLN A 2 11.29 -13.14 2.56
C GLN A 2 10.17 -12.10 2.66
N PRO A 3 10.03 -11.45 3.82
CA PRO A 3 9.00 -10.45 4.04
C PRO A 3 9.42 -9.05 3.61
N LYS A 4 9.68 -8.89 2.31
CA LYS A 4 10.07 -7.59 1.73
C LYS A 4 10.91 -6.77 2.71
N CYS A 5 10.23 -5.95 3.49
CA CYS A 5 10.87 -5.10 4.49
C CYS A 5 11.57 -3.91 3.84
N ASN A 6 10.77 -2.94 3.44
CA ASN A 6 11.29 -1.74 2.80
C ASN A 6 10.30 -0.59 2.97
N PRO A 7 10.29 0.06 4.16
CA PRO A 7 9.40 1.17 4.47
C PRO A 7 9.61 2.36 3.55
N ASN A 8 10.74 2.38 2.85
CA ASN A 8 11.07 3.46 1.94
C ASN A 8 9.99 3.64 0.87
N LEU A 9 9.52 2.52 0.32
CA LEU A 9 8.49 2.56 -0.72
C LEU A 9 7.10 2.72 -0.11
N HIS A 10 6.81 3.92 0.37
CA HIS A 10 5.52 4.20 0.98
C HIS A 10 4.49 4.68 -0.05
N TYR A 11 4.94 4.89 -1.29
CA TYR A 11 4.06 5.36 -2.35
C TYR A 11 3.16 4.23 -2.86
N TRP A 12 3.65 3.00 -2.81
CA TRP A 12 2.88 1.85 -3.28
C TRP A 12 2.59 0.85 -2.16
N THR A 13 3.06 1.14 -0.95
CA THR A 13 2.85 0.27 0.20
C THR A 13 3.21 -1.18 -0.12
N THR A 14 2.32 -1.89 -0.83
CA THR A 14 2.55 -3.27 -1.20
C THR A 14 1.36 -3.77 -2.01
N GLN A 15 0.21 -3.79 -1.36
CA GLN A 15 -1.02 -4.20 -2.03
C GLN A 15 -1.45 -3.12 -2.99
N ASP A 16 -0.83 -1.94 -2.87
CA ASP A 16 -1.13 -0.84 -3.74
C ASP A 16 -0.23 -0.84 -4.97
N GLU A 17 0.80 -1.69 -4.94
CA GLU A 17 1.76 -1.80 -6.04
C GLU A 17 1.05 -1.84 -7.39
N GLY A 18 -0.19 -2.33 -7.39
CA GLY A 18 -0.95 -2.41 -8.62
C GLY A 18 -1.88 -3.61 -8.65
N ALA A 19 -2.53 -3.87 -7.52
CA ALA A 19 -3.44 -5.00 -7.42
C ALA A 19 -4.90 -4.56 -7.56
N ALA A 20 -5.35 -3.72 -6.64
CA ALA A 20 -6.72 -3.22 -6.67
C ALA A 20 -6.74 -1.72 -6.50
N ILE A 21 -5.76 -1.08 -7.13
CA ILE A 21 -5.60 0.36 -7.05
C ILE A 21 -6.23 1.07 -8.25
N GLY A 22 -6.78 0.31 -9.18
CA GLY A 22 -7.39 0.90 -10.36
C GLY A 22 -8.50 1.89 -10.05
N LEU A 23 -9.02 1.88 -8.82
CA LEU A 23 -10.10 2.82 -8.47
C LEU A 23 -9.58 4.03 -7.70
N ALA A 24 -8.54 3.84 -6.91
CA ALA A 24 -7.98 4.93 -6.12
C ALA A 24 -6.68 5.48 -6.71
N TRP A 25 -6.25 4.94 -7.83
CA TRP A 25 -5.01 5.39 -8.47
C TRP A 25 -5.16 6.76 -9.12
N ILE A 26 -6.03 7.60 -8.58
CA ILE A 26 -6.25 8.93 -9.11
C ILE A 26 -6.85 9.86 -8.05
N PRO A 27 -6.02 10.34 -7.10
CA PRO A 27 -6.46 11.23 -6.03
C PRO A 27 -7.44 12.30 -6.51
N TYR A 28 -8.73 11.96 -6.49
CA TYR A 28 -9.77 12.89 -6.92
C TYR A 28 -10.40 13.62 -5.73
N PHE A 29 -10.83 12.86 -4.74
CA PHE A 29 -11.45 13.42 -3.56
C PHE A 29 -10.55 14.42 -2.85
N GLY A 30 -9.25 14.15 -2.87
CA GLY A 30 -8.30 15.04 -2.23
C GLY A 30 -7.13 14.29 -1.60
N PRO A 31 -7.38 13.45 -0.59
CA PRO A 31 -6.33 12.68 0.08
C PRO A 31 -5.54 11.85 -0.90
N ALA A 32 -4.72 10.95 -0.37
CA ALA A 32 -3.90 10.08 -1.19
C ALA A 32 -4.79 9.17 -2.03
N ALA A 33 -5.69 8.47 -1.36
CA ALA A 33 -6.62 7.55 -2.03
C ALA A 33 -5.91 6.35 -2.63
N GLU A 34 -4.86 6.63 -3.37
CA GLU A 34 -4.05 5.63 -4.05
C GLU A 34 -3.87 4.36 -3.21
N GLY A 35 -3.93 4.51 -1.89
CA GLY A 35 -3.80 3.36 -1.01
C GLY A 35 -4.97 3.24 -0.05
N ILE A 36 -5.38 4.37 0.52
CA ILE A 36 -6.48 4.41 1.47
C ILE A 36 -7.83 4.15 0.80
N TYR A 37 -7.94 4.44 -0.49
CA TYR A 37 -9.19 4.22 -1.22
C TYR A 37 -9.04 3.09 -2.23
N ALA A 38 -7.79 2.65 -2.42
CA ALA A 38 -7.49 1.59 -3.36
C ALA A 38 -7.31 0.28 -2.59
N GLU A 39 -6.76 0.39 -1.39
CA GLU A 39 -6.52 -0.77 -0.55
C GLU A 39 -7.31 -0.68 0.76
N GLY A 40 -7.48 0.55 1.24
CA GLY A 40 -8.21 0.78 2.47
C GLY A 40 -7.94 -0.24 3.56
N LEU A 41 -6.68 -0.67 3.71
CA LEU A 41 -6.35 -1.65 4.74
C LEU A 41 -4.85 -1.89 4.85
N MET A 42 -4.23 -2.39 3.79
CA MET A 42 -2.79 -2.65 3.80
C MET A 42 -2.02 -1.49 3.18
N HIS A 43 -2.71 -0.37 2.98
CA HIS A 43 -2.08 0.82 2.40
C HIS A 43 -0.96 1.32 3.29
N ASN A 44 -0.88 0.80 4.51
CA ASN A 44 0.14 1.22 5.46
C ASN A 44 1.36 0.30 5.45
N GLN A 45 1.14 -0.98 5.16
CA GLN A 45 2.23 -1.95 5.12
C GLN A 45 3.16 -1.66 3.95
N ASP A 46 3.92 -0.58 4.06
CA ASP A 46 4.86 -0.18 3.03
C ASP A 46 6.27 -0.70 3.33
N GLY A 47 6.35 -1.74 4.14
CA GLY A 47 7.63 -2.30 4.50
C GLY A 47 7.83 -2.33 6.00
N LEU A 48 7.18 -1.40 6.69
CA LEU A 48 7.26 -1.31 8.14
C LEU A 48 6.69 -2.57 8.76
N ILE A 49 5.46 -2.88 8.39
CA ILE A 49 4.76 -4.06 8.88
C ILE A 49 5.36 -5.32 8.28
N CYS A 50 6.59 -5.60 8.66
CA CYS A 50 7.32 -6.76 8.16
C CYS A 50 6.79 -8.07 8.78
N GLY A 51 5.88 -7.94 9.75
CA GLY A 51 5.32 -9.11 10.40
C GLY A 51 4.55 -10.03 9.47
N LEU A 52 4.43 -9.64 8.20
CA LEU A 52 3.69 -10.44 7.22
C LEU A 52 4.45 -11.71 6.82
N ARG A 53 5.71 -11.83 7.24
CA ARG A 53 6.52 -13.01 6.90
C ARG A 53 5.74 -14.30 7.10
N GLN A 54 6.28 -15.39 6.57
CA GLN A 54 5.64 -16.70 6.69
C GLN A 54 4.34 -16.73 5.89
N ALA A 1 8.78 -16.21 7.44
CA ALA A 1 8.20 -15.81 6.14
C ALA A 1 9.15 -14.91 5.37
N GLN A 2 8.97 -14.84 4.07
CA GLN A 2 9.80 -14.00 3.23
C GLN A 2 8.95 -13.12 2.32
N PRO A 3 8.37 -12.04 2.88
CA PRO A 3 7.52 -11.12 2.12
C PRO A 3 8.33 -10.29 1.14
N LYS A 4 9.22 -9.45 1.69
CA LYS A 4 10.07 -8.58 0.88
C LYS A 4 10.85 -7.62 1.76
N CYS A 5 10.24 -7.23 2.86
CA CYS A 5 10.85 -6.30 3.81
C CYS A 5 11.55 -5.15 3.10
N ASN A 6 10.77 -4.29 2.45
CA ASN A 6 11.31 -3.14 1.73
C ASN A 6 10.73 -1.85 2.29
N PRO A 7 11.27 -1.36 3.42
CA PRO A 7 10.81 -0.12 4.06
C PRO A 7 11.12 1.11 3.24
N ASN A 8 11.94 0.94 2.20
CA ASN A 8 12.32 2.04 1.33
C ASN A 8 11.18 2.44 0.41
N LEU A 9 10.34 1.47 0.05
CA LEU A 9 9.20 1.73 -0.83
C LEU A 9 7.99 2.23 -0.04
N HIS A 10 8.07 3.50 0.38
CA HIS A 10 6.99 4.11 1.15
C HIS A 10 5.95 4.75 0.24
N TYR A 11 6.23 4.81 -1.06
CA TYR A 11 5.32 5.41 -2.01
C TYR A 11 4.07 4.56 -2.21
N TRP A 12 4.26 3.27 -2.48
CA TRP A 12 3.13 2.37 -2.69
C TRP A 12 3.01 1.34 -1.58
N THR A 13 3.78 1.53 -0.51
CA THR A 13 3.75 0.60 0.63
C THR A 13 4.16 -0.80 0.21
N THR A 14 3.32 -1.49 -0.56
CA THR A 14 3.64 -2.84 -1.03
C THR A 14 2.44 -3.41 -1.79
N GLN A 15 1.34 -3.57 -1.08
CA GLN A 15 0.12 -4.08 -1.68
C GLN A 15 -0.49 -2.99 -2.54
N ASP A 16 0.03 -1.77 -2.40
CA ASP A 16 -0.45 -0.67 -3.18
C ASP A 16 0.37 -0.50 -4.45
N GLU A 17 1.49 -1.22 -4.53
CA GLU A 17 2.38 -1.17 -5.69
C GLU A 17 1.58 -1.22 -6.99
N GLY A 18 0.42 -1.85 -6.94
CA GLY A 18 -0.42 -1.97 -8.12
C GLY A 18 -1.29 -3.21 -8.09
N ALA A 19 -1.84 -3.52 -6.92
CA ALA A 19 -2.68 -4.70 -6.78
C ALA A 19 -4.08 -4.34 -6.27
N ALA A 20 -4.22 -3.18 -5.66
CA ALA A 20 -5.51 -2.75 -5.13
C ALA A 20 -5.69 -1.24 -5.31
N ILE A 21 -5.07 -0.72 -6.35
CA ILE A 21 -5.13 0.70 -6.64
C ILE A 21 -6.23 1.02 -7.66
N GLY A 22 -6.58 0.04 -8.48
CA GLY A 22 -7.60 0.23 -9.49
C GLY A 22 -8.88 0.87 -8.98
N LEU A 23 -9.06 0.92 -7.66
CA LEU A 23 -10.28 1.50 -7.09
C LEU A 23 -10.08 2.95 -6.67
N ALA A 24 -8.99 3.21 -5.94
CA ALA A 24 -8.70 4.55 -5.44
C ALA A 24 -7.61 5.26 -6.24
N TRP A 25 -7.10 4.62 -7.28
CA TRP A 25 -6.03 5.20 -8.09
C TRP A 25 -6.52 6.41 -8.90
N ILE A 26 -7.50 7.13 -8.37
CA ILE A 26 -8.03 8.30 -9.06
C ILE A 26 -8.70 9.26 -8.06
N PRO A 27 -7.91 9.91 -7.20
CA PRO A 27 -8.42 10.85 -6.20
C PRO A 27 -9.31 11.92 -6.84
N TYR A 28 -10.62 11.79 -6.65
CA TYR A 28 -11.57 12.75 -7.23
C TYR A 28 -11.96 13.84 -6.23
N PHE A 29 -12.45 13.43 -5.06
CA PHE A 29 -12.88 14.39 -4.05
C PHE A 29 -12.08 14.23 -2.75
N GLY A 30 -11.73 13.00 -2.42
CA GLY A 30 -10.99 12.74 -1.20
C GLY A 30 -9.48 12.92 -1.38
N PRO A 31 -8.70 12.61 -0.33
CA PRO A 31 -7.24 12.73 -0.37
C PRO A 31 -6.64 11.91 -1.51
N ALA A 32 -5.35 11.59 -1.39
CA ALA A 32 -4.65 10.81 -2.42
C ALA A 32 -5.50 9.64 -2.88
N ALA A 33 -6.04 8.87 -1.92
CA ALA A 33 -6.88 7.71 -2.24
C ALA A 33 -6.05 6.57 -2.79
N GLU A 34 -5.22 6.90 -3.78
CA GLU A 34 -4.36 5.94 -4.45
C GLU A 34 -3.80 4.87 -3.50
N GLY A 35 -3.60 5.24 -2.24
CA GLY A 35 -3.06 4.30 -1.27
C GLY A 35 -3.85 4.25 0.03
N ILE A 36 -4.64 5.28 0.30
CA ILE A 36 -5.42 5.33 1.53
C ILE A 36 -6.86 4.85 1.32
N TYR A 37 -7.33 4.90 0.08
CA TYR A 37 -8.69 4.45 -0.22
C TYR A 37 -8.67 3.23 -1.14
N ALA A 38 -7.50 2.95 -1.71
CA ALA A 38 -7.33 1.81 -2.60
C ALA A 38 -6.88 0.59 -1.82
N GLU A 39 -6.23 0.83 -0.68
CA GLU A 39 -5.74 -0.25 0.15
C GLU A 39 -6.46 -0.31 1.49
N GLY A 40 -6.85 0.87 1.99
CA GLY A 40 -7.57 0.96 3.25
C GLY A 40 -7.15 -0.06 4.29
N LEU A 41 -5.86 -0.43 4.32
CA LEU A 41 -5.42 -1.41 5.31
C LEU A 41 -3.90 -1.66 5.25
N MET A 42 -3.40 -2.15 4.13
CA MET A 42 -1.96 -2.40 3.99
C MET A 42 -1.24 -1.17 3.47
N HIS A 43 -1.93 -0.03 3.45
CA HIS A 43 -1.32 1.20 2.98
C HIS A 43 -0.18 1.62 3.90
N ASN A 44 -0.09 0.98 5.05
CA ASN A 44 0.95 1.30 6.03
C ASN A 44 2.16 0.37 5.93
N GLN A 45 1.91 -0.90 5.63
CA GLN A 45 2.99 -1.88 5.52
C GLN A 45 3.89 -1.55 4.34
N ASP A 46 4.68 -0.50 4.49
CA ASP A 46 5.61 -0.08 3.45
C ASP A 46 6.94 -0.81 3.56
N GLY A 47 6.94 -1.97 4.22
CA GLY A 47 8.16 -2.73 4.40
C GLY A 47 8.55 -2.80 5.85
N LEU A 48 8.18 -1.76 6.60
CA LEU A 48 8.48 -1.67 8.02
C LEU A 48 7.77 -2.80 8.76
N ILE A 49 6.46 -2.81 8.61
CA ILE A 49 5.62 -3.80 9.24
C ILE A 49 5.81 -5.18 8.60
N CYS A 50 7.01 -5.71 8.73
CA CYS A 50 7.34 -7.02 8.18
C CYS A 50 6.69 -8.15 8.97
N GLY A 51 6.07 -7.80 10.10
CA GLY A 51 5.41 -8.80 10.92
C GLY A 51 4.24 -9.49 10.23
N LEU A 52 3.94 -9.09 9.00
CA LEU A 52 2.84 -9.66 8.24
C LEU A 52 3.07 -11.15 7.94
N ARG A 53 4.28 -11.48 7.49
CA ARG A 53 4.64 -12.87 7.16
C ARG A 53 3.55 -13.52 6.32
N GLN A 54 3.69 -14.83 6.10
CA GLN A 54 2.72 -15.58 5.31
C GLN A 54 2.58 -15.00 3.91
N ALA A 1 7.48 -15.68 4.49
CA ALA A 1 7.31 -15.20 3.10
C ALA A 1 8.47 -14.31 2.67
N GLN A 2 8.31 -13.65 1.53
CA GLN A 2 9.34 -12.75 1.02
C GLN A 2 8.75 -11.39 0.67
N PRO A 3 8.65 -10.49 1.65
CA PRO A 3 8.11 -9.15 1.48
C PRO A 3 9.16 -8.17 0.96
N LYS A 4 10.42 -8.54 1.10
CA LYS A 4 11.55 -7.70 0.67
C LYS A 4 11.91 -6.67 1.74
N CYS A 5 11.00 -6.47 2.68
CA CYS A 5 11.20 -5.52 3.77
C CYS A 5 11.76 -4.19 3.27
N ASN A 6 10.95 -3.48 2.48
CA ASN A 6 11.35 -2.19 1.93
C ASN A 6 10.51 -1.07 2.53
N PRO A 7 10.87 -0.61 3.75
CA PRO A 7 10.14 0.47 4.44
C PRO A 7 10.42 1.85 3.87
N ASN A 8 10.93 1.91 2.65
CA ASN A 8 11.24 3.17 2.00
C ASN A 8 10.10 3.62 1.08
N LEU A 9 9.37 2.64 0.53
CA LEU A 9 8.25 2.93 -0.37
C LEU A 9 6.98 3.22 0.43
N HIS A 10 6.93 4.41 1.03
CA HIS A 10 5.76 4.82 1.81
C HIS A 10 4.55 5.07 0.93
N TYR A 11 4.79 5.38 -0.35
CA TYR A 11 3.70 5.65 -1.28
C TYR A 11 2.97 4.38 -1.68
N TRP A 12 3.67 3.47 -2.35
CA TRP A 12 3.07 2.22 -2.80
C TRP A 12 2.76 1.29 -1.63
N THR A 13 3.38 1.54 -0.48
CA THR A 13 3.16 0.72 0.70
C THR A 13 3.52 -0.74 0.41
N THR A 14 2.62 -1.47 -0.24
CA THR A 14 2.87 -2.86 -0.59
C THR A 14 1.63 -3.43 -1.28
N GLN A 15 0.53 -3.46 -0.55
CA GLN A 15 -0.72 -3.95 -1.11
C GLN A 15 -1.25 -2.92 -2.09
N ASP A 16 -0.67 -1.73 -2.04
CA ASP A 16 -1.06 -0.67 -2.94
C ASP A 16 -0.17 -0.64 -4.18
N GLU A 17 0.92 -1.40 -4.13
CA GLU A 17 1.87 -1.47 -5.23
C GLU A 17 1.15 -1.63 -6.57
N GLY A 18 -0.04 -2.22 -6.54
CA GLY A 18 -0.80 -2.42 -7.76
C GLY A 18 -1.60 -3.71 -7.73
N ALA A 19 -2.23 -3.99 -6.59
CA ALA A 19 -3.02 -5.21 -6.45
C ALA A 19 -4.52 -4.91 -6.56
N ALA A 20 -5.03 -4.08 -5.68
CA ALA A 20 -6.44 -3.72 -5.69
C ALA A 20 -6.60 -2.22 -5.58
N ILE A 21 -5.71 -1.53 -6.26
CA ILE A 21 -5.69 -0.07 -6.25
C ILE A 21 -6.42 0.53 -7.45
N GLY A 22 -6.96 -0.34 -8.32
CA GLY A 22 -7.65 0.13 -9.50
C GLY A 22 -8.77 1.13 -9.23
N LEU A 23 -9.20 1.27 -7.97
CA LEU A 23 -10.27 2.21 -7.66
C LEU A 23 -9.71 3.53 -7.11
N ALA A 24 -8.61 3.44 -6.37
CA ALA A 24 -7.99 4.63 -5.79
C ALA A 24 -6.75 5.07 -6.54
N TRP A 25 -6.42 4.36 -7.60
CA TRP A 25 -5.24 4.68 -8.39
C TRP A 25 -5.25 6.12 -8.90
N ILE A 26 -6.39 6.79 -8.79
CA ILE A 26 -6.50 8.16 -9.24
C ILE A 26 -7.20 9.03 -8.20
N PRO A 27 -6.48 9.36 -7.10
CA PRO A 27 -7.01 10.18 -6.01
C PRO A 27 -7.74 11.42 -6.52
N TYR A 28 -9.05 11.30 -6.70
CA TYR A 28 -9.86 12.41 -7.19
C TYR A 28 -10.52 13.15 -6.02
N PHE A 29 -10.72 12.45 -4.92
CA PHE A 29 -11.35 13.04 -3.74
C PHE A 29 -10.44 14.08 -3.08
N GLY A 30 -9.13 13.82 -3.11
CA GLY A 30 -8.19 14.75 -2.51
C GLY A 30 -6.96 14.05 -1.94
N PRO A 31 -7.14 13.20 -0.92
CA PRO A 31 -6.02 12.48 -0.30
C PRO A 31 -5.30 11.60 -1.29
N ALA A 32 -4.49 10.68 -0.78
CA ALA A 32 -3.73 9.77 -1.63
C ALA A 32 -4.66 8.79 -2.32
N ALA A 33 -5.56 8.19 -1.55
CA ALA A 33 -6.52 7.22 -2.09
C ALA A 33 -5.83 5.93 -2.50
N GLU A 34 -4.82 6.09 -3.35
CA GLU A 34 -4.04 4.98 -3.87
C GLU A 34 -3.80 3.88 -2.83
N GLY A 35 -3.80 4.27 -1.57
CA GLY A 35 -3.61 3.30 -0.51
C GLY A 35 -4.74 3.33 0.52
N ILE A 36 -5.09 4.54 0.95
CA ILE A 36 -6.15 4.72 1.93
C ILE A 36 -7.55 4.49 1.35
N TYR A 37 -7.71 4.65 0.03
CA TYR A 37 -9.00 4.45 -0.60
C TYR A 37 -8.97 3.25 -1.54
N ALA A 38 -7.77 2.71 -1.75
CA ALA A 38 -7.60 1.56 -2.61
C ALA A 38 -7.41 0.30 -1.77
N GLU A 39 -6.75 0.48 -0.62
CA GLU A 39 -6.50 -0.62 0.29
C GLU A 39 -7.17 -0.40 1.64
N GLY A 40 -7.26 0.86 2.04
CA GLY A 40 -7.88 1.22 3.31
C GLY A 40 -7.58 0.25 4.43
N LEU A 41 -6.33 -0.20 4.55
CA LEU A 41 -5.97 -1.14 5.60
C LEU A 41 -4.46 -1.37 5.66
N MET A 42 -3.89 -1.89 4.58
CA MET A 42 -2.45 -2.16 4.53
C MET A 42 -1.71 -1.01 3.86
N HIS A 43 -2.40 0.10 3.66
CA HIS A 43 -1.78 1.26 3.03
C HIS A 43 -0.62 1.79 3.87
N ASN A 44 -0.50 1.29 5.10
CA ASN A 44 0.56 1.73 5.99
C ASN A 44 1.77 0.81 5.95
N GLN A 45 1.53 -0.49 5.77
CA GLN A 45 2.61 -1.46 5.71
C GLN A 45 3.48 -1.21 4.49
N ASP A 46 4.26 -0.15 4.55
CA ASP A 46 5.15 0.23 3.45
C ASP A 46 6.53 -0.41 3.58
N GLY A 47 6.60 -1.50 4.33
CA GLY A 47 7.87 -2.19 4.54
C GLY A 47 8.18 -2.33 6.02
N LEU A 48 7.67 -1.41 6.82
CA LEU A 48 7.88 -1.44 8.25
C LEU A 48 7.29 -2.71 8.84
N ILE A 49 6.01 -2.90 8.59
CA ILE A 49 5.28 -4.05 9.07
C ILE A 49 5.58 -5.27 8.22
N CYS A 50 6.80 -5.77 8.35
CA CYS A 50 7.25 -6.95 7.60
C CYS A 50 6.54 -8.21 8.05
N GLY A 51 5.75 -8.12 9.12
CA GLY A 51 5.02 -9.27 9.62
C GLY A 51 3.96 -9.79 8.67
N LEU A 52 3.78 -9.11 7.54
CA LEU A 52 2.78 -9.51 6.55
C LEU A 52 3.05 -10.91 6.00
N ARG A 53 4.26 -11.43 6.21
CA ARG A 53 4.64 -12.75 5.72
C ARG A 53 3.61 -13.81 6.13
N GLN A 54 3.89 -15.05 5.78
CA GLN A 54 3.01 -16.17 6.11
C GLN A 54 1.64 -15.97 5.48
N ALA A 1 6.86 -16.40 4.47
CA ALA A 1 6.43 -15.51 3.35
C ALA A 1 7.62 -14.74 2.78
N GLN A 2 7.39 -14.07 1.66
CA GLN A 2 8.45 -13.29 1.01
C GLN A 2 7.98 -11.87 0.73
N PRO A 3 7.96 -11.00 1.76
CA PRO A 3 7.52 -9.62 1.61
C PRO A 3 8.61 -8.72 1.04
N LYS A 4 9.85 -9.21 1.05
CA LYS A 4 11.01 -8.48 0.54
C LYS A 4 11.54 -7.49 1.57
N CYS A 5 10.70 -7.11 2.52
CA CYS A 5 11.07 -6.17 3.57
C CYS A 5 11.84 -4.98 3.01
N ASN A 6 11.09 -4.01 2.48
CA ASN A 6 11.69 -2.81 1.91
C ASN A 6 11.00 -1.56 2.44
N PRO A 7 11.31 -1.15 3.69
CA PRO A 7 10.72 0.03 4.31
C PRO A 7 11.15 1.33 3.63
N ASN A 8 12.17 1.23 2.79
CA ASN A 8 12.69 2.39 2.07
C ASN A 8 11.64 2.95 1.11
N LEU A 9 10.77 2.07 0.62
CA LEU A 9 9.72 2.47 -0.32
C LEU A 9 8.41 2.73 0.42
N HIS A 10 8.38 3.83 1.18
CA HIS A 10 7.18 4.19 1.94
C HIS A 10 6.08 4.74 1.03
N TYR A 11 6.40 4.95 -0.24
CA TYR A 11 5.43 5.49 -1.19
C TYR A 11 4.49 4.41 -1.69
N TRP A 12 5.04 3.37 -2.30
CA TRP A 12 4.24 2.28 -2.85
C TRP A 12 3.69 1.36 -1.75
N THR A 13 4.33 1.38 -0.59
CA THR A 13 3.90 0.54 0.54
C THR A 13 4.04 -0.94 0.18
N THR A 14 3.11 -1.45 -0.62
CA THR A 14 3.15 -2.85 -1.04
C THR A 14 1.85 -3.20 -1.76
N GLN A 15 0.74 -3.10 -1.02
CA GLN A 15 -0.56 -3.37 -1.58
C GLN A 15 -0.96 -2.22 -2.49
N ASP A 16 -0.19 -1.13 -2.42
CA ASP A 16 -0.43 0.02 -3.26
C ASP A 16 0.36 -0.11 -4.55
N GLU A 17 1.39 -0.94 -4.50
CA GLU A 17 2.24 -1.21 -5.66
C GLU A 17 1.38 -1.47 -6.89
N GLY A 18 0.20 -2.01 -6.64
CA GLY A 18 -0.73 -2.35 -7.70
C GLY A 18 -1.49 -3.61 -7.36
N ALA A 19 -1.85 -3.73 -6.08
CA ALA A 19 -2.55 -4.90 -5.60
C ALA A 19 -4.07 -4.67 -5.51
N ALA A 20 -4.48 -3.68 -4.73
CA ALA A 20 -5.89 -3.38 -4.57
C ALA A 20 -6.12 -1.90 -4.75
N ILE A 21 -5.42 -1.34 -5.72
CA ILE A 21 -5.51 0.08 -6.02
C ILE A 21 -6.50 0.37 -7.15
N GLY A 22 -6.92 -0.67 -7.85
CA GLY A 22 -7.84 -0.50 -8.96
C GLY A 22 -9.07 0.36 -8.65
N LEU A 23 -9.39 0.53 -7.37
CA LEU A 23 -10.55 1.33 -7.00
C LEU A 23 -10.18 2.76 -6.60
N ALA A 24 -9.09 2.90 -5.87
CA ALA A 24 -8.65 4.22 -5.41
C ALA A 24 -7.47 4.78 -6.19
N TRP A 25 -7.02 4.05 -7.21
CA TRP A 25 -5.88 4.50 -8.01
C TRP A 25 -6.20 5.76 -8.82
N ILE A 26 -7.09 6.60 -8.31
CA ILE A 26 -7.46 7.84 -8.98
C ILE A 26 -8.09 8.81 -8.00
N PRO A 27 -7.28 9.38 -7.09
CA PRO A 27 -7.75 10.34 -6.08
C PRO A 27 -8.62 11.45 -6.66
N TYR A 28 -9.92 11.19 -6.78
CA TYR A 28 -10.86 12.16 -7.31
C TYR A 28 -11.54 12.94 -6.19
N PHE A 29 -11.86 12.24 -5.11
CA PHE A 29 -12.54 12.87 -3.97
C PHE A 29 -11.68 13.96 -3.35
N GLY A 30 -10.36 13.75 -3.34
CA GLY A 30 -9.47 14.74 -2.76
C GLY A 30 -8.20 14.11 -2.21
N PRO A 31 -8.30 13.31 -1.14
CA PRO A 31 -7.14 12.65 -0.54
C PRO A 31 -6.39 11.80 -1.54
N ALA A 32 -5.53 10.92 -1.03
CA ALA A 32 -4.76 10.05 -1.89
C ALA A 32 -5.63 8.93 -2.44
N ALA A 33 -6.39 8.30 -1.56
CA ALA A 33 -7.29 7.21 -1.95
C ALA A 33 -6.50 5.96 -2.34
N GLU A 34 -5.55 6.16 -3.23
CA GLU A 34 -4.70 5.10 -3.76
C GLU A 34 -4.34 4.07 -2.69
N GLY A 35 -4.25 4.50 -1.43
CA GLY A 35 -3.91 3.58 -0.35
C GLY A 35 -4.91 3.62 0.78
N ILE A 36 -5.52 4.77 1.00
CA ILE A 36 -6.50 4.94 2.08
C ILE A 36 -7.91 4.59 1.62
N TYR A 37 -8.16 4.64 0.31
CA TYR A 37 -9.48 4.31 -0.22
C TYR A 37 -9.42 3.06 -1.09
N ALA A 38 -8.21 2.60 -1.36
CA ALA A 38 -7.99 1.40 -2.15
C ALA A 38 -7.65 0.23 -1.25
N GLU A 39 -6.86 0.53 -0.23
CA GLU A 39 -6.44 -0.47 0.73
C GLU A 39 -6.93 -0.15 2.14
N GLY A 40 -7.01 1.15 2.44
CA GLY A 40 -7.47 1.61 3.75
C GLY A 40 -6.99 0.75 4.90
N LEU A 41 -5.70 0.40 4.92
CA LEU A 41 -5.16 -0.42 6.00
C LEU A 41 -3.67 -0.73 5.81
N MET A 42 -3.35 -1.41 4.72
CA MET A 42 -1.96 -1.76 4.43
C MET A 42 -1.24 -0.66 3.65
N HIS A 43 -1.85 0.51 3.57
CA HIS A 43 -1.23 1.62 2.87
C HIS A 43 0.03 2.08 3.60
N ASN A 44 0.20 1.59 4.83
CA ASN A 44 1.35 1.95 5.65
C ASN A 44 2.46 0.91 5.53
N GLN A 45 2.12 -0.33 5.83
CA GLN A 45 3.06 -1.44 5.79
C GLN A 45 3.92 -1.40 4.52
N ASP A 46 4.89 -0.51 4.53
CA ASP A 46 5.80 -0.35 3.40
C ASP A 46 7.07 -1.17 3.58
N GLY A 47 7.00 -2.20 4.41
CA GLY A 47 8.15 -3.03 4.67
C GLY A 47 8.47 -3.11 6.16
N LEU A 48 8.12 -2.05 6.88
CA LEU A 48 8.36 -1.99 8.32
C LEU A 48 7.65 -3.16 9.00
N ILE A 49 6.33 -3.20 8.84
CA ILE A 49 5.51 -4.24 9.42
C ILE A 49 5.61 -5.52 8.60
N CYS A 50 6.81 -6.07 8.55
CA CYS A 50 7.07 -7.30 7.79
C CYS A 50 6.38 -8.51 8.44
N GLY A 51 5.81 -8.31 9.62
CA GLY A 51 5.14 -9.40 10.32
C GLY A 51 3.89 -9.89 9.62
N LEU A 52 3.53 -9.25 8.50
CA LEU A 52 2.34 -9.63 7.76
C LEU A 52 2.44 -11.05 7.21
N ARG A 53 3.57 -11.37 6.57
CA ARG A 53 3.80 -12.70 5.99
C ARG A 53 2.57 -13.15 5.20
N GLN A 54 2.54 -14.45 4.86
CA GLN A 54 1.43 -15.01 4.10
C GLN A 54 1.14 -14.20 2.85
N ALA A 1 9.25 -16.40 5.12
CA ALA A 1 8.56 -15.68 4.02
C ALA A 1 9.41 -14.54 3.50
N GLN A 2 9.19 -14.16 2.24
CA GLN A 2 9.93 -13.07 1.63
C GLN A 2 8.98 -12.06 0.99
N PRO A 3 8.35 -11.21 1.82
CA PRO A 3 7.41 -10.19 1.33
C PRO A 3 8.11 -9.15 0.49
N LYS A 4 9.00 -8.39 1.13
CA LYS A 4 9.76 -7.34 0.46
C LYS A 4 10.69 -6.64 1.44
N CYS A 5 10.21 -6.50 2.67
CA CYS A 5 10.96 -5.87 3.74
C CYS A 5 11.66 -4.60 3.26
N ASN A 6 10.86 -3.61 2.86
CA ASN A 6 11.38 -2.34 2.38
C ASN A 6 10.57 -1.19 2.97
N PRO A 7 10.89 -0.79 4.21
CA PRO A 7 10.17 0.30 4.90
C PRO A 7 10.51 1.69 4.33
N ASN A 8 11.22 1.73 3.21
CA ASN A 8 11.59 2.99 2.59
C ASN A 8 10.59 3.36 1.49
N LEU A 9 9.92 2.36 0.92
CA LEU A 9 8.95 2.60 -0.14
C LEU A 9 7.57 2.90 0.45
N HIS A 10 7.41 4.11 0.97
CA HIS A 10 6.14 4.52 1.56
C HIS A 10 5.14 4.98 0.49
N TYR A 11 5.60 5.07 -0.75
CA TYR A 11 4.75 5.52 -1.84
C TYR A 11 3.71 4.45 -2.21
N TRP A 12 4.17 3.20 -2.34
CA TRP A 12 3.28 2.10 -2.71
C TRP A 12 2.90 1.25 -1.50
N THR A 13 3.47 1.57 -0.34
CA THR A 13 3.19 0.82 0.89
C THR A 13 3.48 -0.68 0.69
N THR A 14 2.58 -1.39 0.03
CA THR A 14 2.76 -2.81 -0.23
C THR A 14 1.53 -3.36 -0.92
N GLN A 15 0.40 -3.28 -0.23
CA GLN A 15 -0.86 -3.73 -0.79
C GLN A 15 -1.31 -2.74 -1.86
N ASP A 16 -0.66 -1.59 -1.89
CA ASP A 16 -0.96 -0.58 -2.87
C ASP A 16 -0.05 -0.71 -4.09
N GLU A 17 0.99 -1.54 -3.96
CA GLU A 17 1.94 -1.76 -5.04
C GLU A 17 1.22 -1.98 -6.37
N GLY A 18 0.00 -2.50 -6.30
CA GLY A 18 -0.77 -2.76 -7.50
C GLY A 18 -1.64 -3.99 -7.38
N ALA A 19 -2.29 -4.15 -6.23
CA ALA A 19 -3.13 -5.31 -5.99
C ALA A 19 -4.61 -4.97 -6.14
N ALA A 20 -5.08 -4.02 -5.33
CA ALA A 20 -6.47 -3.59 -5.37
C ALA A 20 -6.56 -2.09 -5.42
N ILE A 21 -5.65 -1.51 -6.19
CA ILE A 21 -5.58 -0.07 -6.33
C ILE A 21 -6.32 0.44 -7.57
N GLY A 22 -6.91 -0.47 -8.32
CA GLY A 22 -7.64 -0.09 -9.52
C GLY A 22 -8.80 0.85 -9.27
N LEU A 23 -9.21 0.99 -8.01
CA LEU A 23 -10.33 1.87 -7.68
C LEU A 23 -9.86 3.23 -7.17
N ALA A 24 -8.73 3.23 -6.46
CA ALA A 24 -8.18 4.46 -5.91
C ALA A 24 -6.99 4.97 -6.70
N TRP A 25 -6.64 4.28 -7.78
CA TRP A 25 -5.50 4.67 -8.60
C TRP A 25 -5.63 6.11 -9.10
N ILE A 26 -6.82 6.68 -8.96
CA ILE A 26 -7.05 8.05 -9.41
C ILE A 26 -7.70 8.88 -8.30
N PRO A 27 -6.91 9.27 -7.28
CA PRO A 27 -7.39 10.07 -6.15
C PRO A 27 -8.21 11.28 -6.58
N TYR A 28 -9.52 11.08 -6.72
CA TYR A 28 -10.41 12.17 -7.11
C TYR A 28 -11.07 12.82 -5.90
N PHE A 29 -10.96 12.17 -4.74
CA PHE A 29 -11.55 12.69 -3.51
C PHE A 29 -10.70 13.82 -2.93
N GLY A 30 -9.38 13.72 -3.09
CA GLY A 30 -8.50 14.74 -2.57
C GLY A 30 -7.22 14.18 -1.98
N PRO A 31 -7.33 13.18 -1.09
CA PRO A 31 -6.16 12.56 -0.46
C PRO A 31 -5.42 11.62 -1.41
N ALA A 32 -4.50 10.83 -0.86
CA ALA A 32 -3.75 9.88 -1.67
C ALA A 32 -4.69 8.94 -2.41
N ALA A 33 -5.66 8.40 -1.69
CA ALA A 33 -6.66 7.50 -2.26
C ALA A 33 -6.05 6.17 -2.68
N GLU A 34 -5.08 6.27 -3.58
CA GLU A 34 -4.38 5.11 -4.13
C GLU A 34 -4.13 4.02 -3.07
N GLY A 35 -4.01 4.43 -1.81
CA GLY A 35 -3.79 3.47 -0.75
C GLY A 35 -4.86 3.51 0.34
N ILE A 36 -5.49 4.67 0.51
CA ILE A 36 -6.53 4.81 1.54
C ILE A 36 -7.94 4.61 0.98
N TYR A 37 -8.09 4.75 -0.34
CA TYR A 37 -9.39 4.56 -0.98
C TYR A 37 -9.40 3.26 -1.77
N ALA A 38 -8.21 2.68 -1.94
CA ALA A 38 -8.04 1.43 -2.66
C ALA A 38 -7.86 0.29 -1.68
N GLU A 39 -7.12 0.57 -0.61
CA GLU A 39 -6.84 -0.42 0.41
C GLU A 39 -7.38 0.01 1.77
N GLY A 40 -7.38 1.32 2.02
CA GLY A 40 -7.87 1.86 3.27
C GLY A 40 -7.53 1.02 4.49
N LEU A 41 -6.27 0.61 4.63
CA LEU A 41 -5.87 -0.21 5.77
C LEU A 41 -4.38 -0.57 5.73
N MET A 42 -3.98 -1.28 4.68
CA MET A 42 -2.58 -1.69 4.52
C MET A 42 -1.75 -0.61 3.84
N HIS A 43 -2.31 0.58 3.70
CA HIS A 43 -1.60 1.68 3.08
C HIS A 43 -0.42 2.11 3.96
N ASN A 44 -0.38 1.61 5.19
CA ASN A 44 0.69 1.96 6.10
C ASN A 44 1.83 0.95 6.03
N GLN A 45 1.50 -0.27 5.63
CA GLN A 45 2.50 -1.33 5.50
C GLN A 45 3.48 -1.01 4.39
N ASP A 46 4.31 0.00 4.63
CA ASP A 46 5.30 0.44 3.64
C ASP A 46 6.62 -0.31 3.80
N GLY A 47 6.56 -1.49 4.43
CA GLY A 47 7.76 -2.28 4.63
C GLY A 47 7.99 -2.58 6.09
N LEU A 48 7.58 -1.65 6.95
CA LEU A 48 7.71 -1.80 8.38
C LEU A 48 7.11 -3.12 8.83
N ILE A 49 5.83 -3.28 8.52
CA ILE A 49 5.08 -4.47 8.86
C ILE A 49 5.51 -5.65 7.99
N CYS A 50 6.78 -6.02 8.09
CA CYS A 50 7.33 -7.12 7.31
C CYS A 50 6.91 -8.47 7.90
N GLY A 51 6.28 -8.44 9.08
CA GLY A 51 5.86 -9.67 9.72
C GLY A 51 4.64 -10.29 9.05
N LEU A 52 4.08 -9.60 8.06
CA LEU A 52 2.90 -10.10 7.36
C LEU A 52 3.19 -11.45 6.72
N ARG A 53 4.32 -11.54 6.02
CA ARG A 53 4.71 -12.78 5.36
C ARG A 53 3.73 -13.15 4.26
N GLN A 54 4.08 -14.15 3.48
CA GLN A 54 3.24 -14.63 2.39
C GLN A 54 2.72 -13.48 1.54
N ALA A 1 10.11 -15.69 7.04
CA ALA A 1 9.81 -15.67 5.58
C ALA A 1 10.55 -14.54 4.88
N GLN A 2 10.28 -14.40 3.59
CA GLN A 2 10.91 -13.35 2.79
C GLN A 2 9.86 -12.57 2.02
N PRO A 3 9.16 -11.66 2.71
CA PRO A 3 8.12 -10.83 2.09
C PRO A 3 8.69 -9.81 1.13
N LYS A 4 9.48 -8.88 1.68
CA LYS A 4 10.10 -7.82 0.88
C LYS A 4 10.91 -6.89 1.76
N CYS A 5 10.39 -6.67 2.96
CA CYS A 5 11.04 -5.80 3.94
C CYS A 5 11.65 -4.56 3.29
N ASN A 6 10.83 -3.52 3.16
CA ASN A 6 11.27 -2.27 2.56
C ASN A 6 10.37 -1.11 3.00
N PRO A 7 10.56 -0.62 4.23
CA PRO A 7 9.76 0.48 4.78
C PRO A 7 10.13 1.86 4.23
N ASN A 8 10.82 1.87 3.09
CA ASN A 8 11.24 3.12 2.47
C ASN A 8 10.25 3.55 1.38
N LEU A 9 9.68 2.59 0.68
CA LEU A 9 8.73 2.88 -0.39
C LEU A 9 7.30 2.91 0.14
N HIS A 10 6.98 3.96 0.89
CA HIS A 10 5.65 4.13 1.46
C HIS A 10 4.65 4.66 0.44
N TYR A 11 5.14 5.03 -0.74
CA TYR A 11 4.29 5.57 -1.79
C TYR A 11 3.37 4.49 -2.37
N TRP A 12 3.82 3.24 -2.36
CA TRP A 12 3.04 2.14 -2.91
C TRP A 12 2.69 1.10 -1.85
N THR A 13 3.26 1.22 -0.65
CA THR A 13 3.00 0.29 0.43
C THR A 13 3.41 -1.14 0.02
N THR A 14 2.59 -1.79 -0.81
CA THR A 14 2.88 -3.14 -1.27
C THR A 14 1.68 -3.68 -2.04
N GLN A 15 0.56 -3.83 -1.34
CA GLN A 15 -0.67 -4.29 -1.97
C GLN A 15 -1.24 -3.19 -2.83
N ASP A 16 -0.69 -1.99 -2.65
CA ASP A 16 -1.12 -0.84 -3.42
C ASP A 16 -0.25 -0.67 -4.66
N GLU A 17 0.85 -1.41 -4.71
CA GLU A 17 1.79 -1.35 -5.84
C GLU A 17 1.06 -1.38 -7.17
N GLY A 18 -0.13 -1.99 -7.19
CA GLY A 18 -0.90 -2.07 -8.41
C GLY A 18 -1.74 -3.34 -8.47
N ALA A 19 -2.33 -3.71 -7.35
CA ALA A 19 -3.16 -4.91 -7.29
C ALA A 19 -4.64 -4.60 -7.39
N ALA A 20 -5.15 -3.80 -6.45
CA ALA A 20 -6.56 -3.43 -6.45
C ALA A 20 -6.69 -1.93 -6.25
N ILE A 21 -5.75 -1.20 -6.83
CA ILE A 21 -5.72 0.23 -6.72
C ILE A 21 -6.38 0.93 -7.91
N GLY A 22 -6.88 0.15 -8.86
CA GLY A 22 -7.50 0.72 -10.04
C GLY A 22 -8.72 1.59 -9.74
N LEU A 23 -9.18 1.59 -8.49
CA LEU A 23 -10.35 2.39 -8.13
C LEU A 23 -9.93 3.72 -7.48
N ALA A 24 -8.86 3.70 -6.72
CA ALA A 24 -8.37 4.90 -6.03
C ALA A 24 -7.16 5.50 -6.72
N TRP A 25 -6.73 4.92 -7.82
CA TRP A 25 -5.56 5.39 -8.54
C TRP A 25 -5.81 6.74 -9.25
N ILE A 26 -6.68 7.56 -8.67
CA ILE A 26 -6.99 8.86 -9.23
C ILE A 26 -7.53 9.80 -8.16
N PRO A 27 -6.62 10.38 -7.33
CA PRO A 27 -6.99 11.29 -6.24
C PRO A 27 -8.11 12.25 -6.63
N TYR A 28 -9.35 11.81 -6.45
CA TYR A 28 -10.52 12.63 -6.78
C TYR A 28 -11.06 13.33 -5.54
N PHE A 29 -11.29 12.56 -4.48
CA PHE A 29 -11.82 13.10 -3.23
C PHE A 29 -10.92 14.21 -2.67
N GLY A 30 -9.61 14.05 -2.86
CA GLY A 30 -8.68 15.05 -2.36
C GLY A 30 -7.37 14.43 -1.91
N PRO A 31 -7.39 13.59 -0.86
CA PRO A 31 -6.19 12.94 -0.35
C PRO A 31 -5.52 12.08 -1.39
N ALA A 32 -4.59 11.25 -0.95
CA ALA A 32 -3.88 10.37 -1.86
C ALA A 32 -4.85 9.41 -2.53
N ALA A 33 -5.63 8.72 -1.72
CA ALA A 33 -6.64 7.77 -2.21
C ALA A 33 -6.00 6.55 -2.84
N GLU A 34 -5.01 6.81 -3.69
CA GLU A 34 -4.28 5.76 -4.42
C GLU A 34 -4.04 4.52 -3.57
N GLY A 35 -3.97 4.70 -2.25
CA GLY A 35 -3.76 3.57 -1.37
C GLY A 35 -4.79 3.52 -0.26
N ILE A 36 -5.10 4.68 0.30
CA ILE A 36 -6.08 4.79 1.38
C ILE A 36 -7.50 4.52 0.90
N TYR A 37 -7.76 4.77 -0.38
CA TYR A 37 -9.09 4.53 -0.95
C TYR A 37 -9.07 3.36 -1.91
N ALA A 38 -7.86 2.88 -2.23
CA ALA A 38 -7.69 1.76 -3.13
C ALA A 38 -7.48 0.49 -2.33
N GLU A 39 -6.89 0.64 -1.16
CA GLU A 39 -6.63 -0.50 -0.28
C GLU A 39 -7.34 -0.37 1.05
N GLY A 40 -7.50 0.87 1.51
CA GLY A 40 -8.17 1.14 2.77
C GLY A 40 -7.91 0.09 3.84
N LEU A 41 -6.69 -0.41 3.93
CA LEU A 41 -6.37 -1.42 4.94
C LEU A 41 -4.88 -1.74 4.99
N MET A 42 -4.34 -2.25 3.88
CA MET A 42 -2.93 -2.58 3.81
C MET A 42 -2.11 -1.44 3.23
N HIS A 43 -2.72 -0.27 3.11
CA HIS A 43 -2.03 0.89 2.58
C HIS A 43 -0.88 1.30 3.49
N ASN A 44 -0.82 0.72 4.68
CA ASN A 44 0.23 1.07 5.64
C ASN A 44 1.42 0.12 5.58
N GLN A 45 1.17 -1.15 5.30
CA GLN A 45 2.25 -2.14 5.23
C GLN A 45 3.24 -1.81 4.11
N ASP A 46 3.97 -0.71 4.28
CA ASP A 46 4.94 -0.28 3.30
C ASP A 46 6.34 -0.78 3.63
N GLY A 47 6.41 -1.85 4.44
CA GLY A 47 7.69 -2.40 4.83
C GLY A 47 7.82 -2.44 6.34
N LEU A 48 7.19 -1.48 7.00
CA LEU A 48 7.22 -1.40 8.46
C LEU A 48 6.71 -2.70 9.07
N ILE A 49 5.54 -3.11 8.61
CA ILE A 49 4.91 -4.32 9.07
C ILE A 49 5.46 -5.53 8.31
N CYS A 50 6.77 -5.69 8.38
CA CYS A 50 7.45 -6.79 7.71
C CYS A 50 7.31 -8.11 8.49
N GLY A 51 6.73 -8.01 9.69
CA GLY A 51 6.54 -9.20 10.52
C GLY A 51 5.55 -10.20 9.96
N LEU A 52 4.95 -9.87 8.84
CA LEU A 52 3.96 -10.76 8.20
C LEU A 52 4.60 -11.99 7.56
N ARG A 53 5.75 -12.42 8.10
CA ARG A 53 6.45 -13.59 7.59
C ARG A 53 5.56 -14.84 7.70
N GLN A 54 6.17 -16.01 7.58
CA GLN A 54 5.44 -17.27 7.67
C GLN A 54 4.29 -17.31 6.67
N ALA A 1 9.22 -16.87 5.45
CA ALA A 1 8.66 -15.93 4.44
C ALA A 1 9.72 -14.99 3.90
N GLN A 2 9.52 -14.55 2.66
CA GLN A 2 10.47 -13.64 2.02
C GLN A 2 9.75 -12.43 1.45
N PRO A 3 9.37 -11.46 2.31
CA PRO A 3 8.68 -10.25 1.88
C PRO A 3 9.62 -9.22 1.27
N LYS A 4 10.91 -9.35 1.58
CA LYS A 4 11.96 -8.45 1.08
C LYS A 4 12.19 -7.30 2.06
N CYS A 5 11.15 -6.93 2.78
CA CYS A 5 11.21 -5.86 3.77
C CYS A 5 11.79 -4.57 3.17
N ASN A 6 10.92 -3.61 2.89
CA ASN A 6 11.34 -2.33 2.34
C ASN A 6 10.54 -1.19 2.97
N PRO A 7 10.86 -0.85 4.23
CA PRO A 7 10.16 0.22 4.97
C PRO A 7 10.31 1.58 4.29
N ASN A 8 11.26 1.68 3.36
CA ASN A 8 11.50 2.93 2.65
C ASN A 8 10.35 3.27 1.71
N LEU A 9 9.86 2.27 0.98
CA LEU A 9 8.76 2.47 0.04
C LEU A 9 7.47 2.84 0.78
N HIS A 10 7.39 4.10 1.23
CA HIS A 10 6.23 4.58 1.95
C HIS A 10 5.12 5.06 1.00
N TYR A 11 5.43 5.10 -0.29
CA TYR A 11 4.47 5.55 -1.29
C TYR A 11 3.45 4.47 -1.64
N TRP A 12 3.94 3.35 -2.18
CA TRP A 12 3.06 2.25 -2.58
C TRP A 12 2.77 1.29 -1.44
N THR A 13 3.39 1.50 -0.29
CA THR A 13 3.19 0.62 0.87
C THR A 13 3.59 -0.82 0.53
N THR A 14 2.75 -1.52 -0.21
CA THR A 14 3.03 -2.90 -0.60
C THR A 14 1.81 -3.50 -1.29
N GLN A 15 0.71 -3.58 -0.54
CA GLN A 15 -0.52 -4.09 -1.10
C GLN A 15 -1.14 -3.05 -2.02
N ASP A 16 -0.60 -1.83 -1.96
CA ASP A 16 -1.08 -0.77 -2.79
C ASP A 16 -0.23 -0.67 -4.07
N GLU A 17 0.89 -1.38 -4.09
CA GLU A 17 1.79 -1.39 -5.24
C GLU A 17 1.02 -1.54 -6.54
N GLY A 18 -0.13 -2.18 -6.49
CA GLY A 18 -0.93 -2.38 -7.68
C GLY A 18 -1.69 -3.69 -7.66
N ALA A 19 -2.26 -4.02 -6.51
CA ALA A 19 -3.01 -5.26 -6.36
C ALA A 19 -4.52 -5.02 -6.43
N ALA A 20 -5.03 -4.20 -5.53
CA ALA A 20 -6.46 -3.89 -5.49
C ALA A 20 -6.67 -2.40 -5.38
N ILE A 21 -5.78 -1.67 -6.04
CA ILE A 21 -5.81 -0.22 -6.03
C ILE A 21 -6.54 0.36 -7.25
N GLY A 22 -7.02 -0.52 -8.13
CA GLY A 22 -7.71 -0.08 -9.32
C GLY A 22 -8.95 0.77 -9.06
N LEU A 23 -9.36 0.88 -7.80
CA LEU A 23 -10.53 1.67 -7.47
C LEU A 23 -10.16 3.07 -6.99
N ALA A 24 -9.05 3.17 -6.27
CA ALA A 24 -8.59 4.46 -5.75
C ALA A 24 -7.41 5.01 -6.55
N TRP A 25 -7.01 4.32 -7.60
CA TRP A 25 -5.88 4.74 -8.42
C TRP A 25 -6.17 6.04 -9.19
N ILE A 26 -7.02 6.89 -8.63
CA ILE A 26 -7.36 8.16 -9.26
C ILE A 26 -7.91 9.13 -8.23
N PRO A 27 -7.03 9.67 -7.36
CA PRO A 27 -7.42 10.62 -6.30
C PRO A 27 -8.27 11.77 -6.84
N TYR A 28 -9.59 11.55 -6.90
CA TYR A 28 -10.51 12.56 -7.40
C TYR A 28 -11.13 13.34 -6.24
N PHE A 29 -11.27 12.68 -5.09
CA PHE A 29 -11.87 13.31 -3.91
C PHE A 29 -10.94 14.35 -3.31
N GLY A 30 -9.64 14.09 -3.37
CA GLY A 30 -8.68 15.03 -2.81
C GLY A 30 -7.40 14.35 -2.36
N PRO A 31 -7.46 13.49 -1.33
CA PRO A 31 -6.29 12.78 -0.82
C PRO A 31 -5.63 11.94 -1.90
N ALA A 32 -4.81 10.99 -1.48
CA ALA A 32 -4.12 10.11 -2.42
C ALA A 32 -5.07 9.06 -2.95
N ALA A 33 -5.83 8.43 -2.05
CA ALA A 33 -6.79 7.39 -2.42
C ALA A 33 -6.08 6.12 -2.87
N GLU A 34 -5.14 6.29 -3.79
CA GLU A 34 -4.37 5.20 -4.36
C GLU A 34 -4.01 4.14 -3.32
N GLY A 35 -3.90 4.54 -2.06
CA GLY A 35 -3.58 3.60 -1.00
C GLY A 35 -4.55 3.66 0.17
N ILE A 36 -4.98 4.88 0.51
CA ILE A 36 -5.91 5.08 1.63
C ILE A 36 -7.35 4.75 1.24
N TYR A 37 -7.68 4.85 -0.04
CA TYR A 37 -9.04 4.55 -0.49
C TYR A 37 -9.04 3.32 -1.40
N ALA A 38 -7.85 2.84 -1.74
CA ALA A 38 -7.69 1.66 -2.58
C ALA A 38 -7.41 0.44 -1.71
N GLU A 39 -6.76 0.68 -0.58
CA GLU A 39 -6.42 -0.41 0.34
C GLU A 39 -7.09 -0.22 1.70
N GLY A 40 -7.25 1.04 2.10
CA GLY A 40 -7.88 1.37 3.37
C GLY A 40 -7.58 0.38 4.49
N LEU A 41 -6.32 -0.05 4.61
CA LEU A 41 -5.97 -0.98 5.68
C LEU A 41 -4.48 -1.32 5.67
N MET A 42 -4.00 -1.91 4.58
CA MET A 42 -2.60 -2.28 4.45
C MET A 42 -1.79 -1.14 3.85
N HIS A 43 -2.39 0.04 3.77
CA HIS A 43 -1.71 1.20 3.21
C HIS A 43 -0.52 1.59 4.08
N ASN A 44 -0.44 1.00 5.28
CA ASN A 44 0.65 1.31 6.19
C ASN A 44 1.79 0.31 6.04
N GLN A 45 1.51 -0.83 5.43
CA GLN A 45 2.52 -1.86 5.23
C GLN A 45 3.54 -1.41 4.19
N ASP A 46 4.29 -0.38 4.54
CA ASP A 46 5.30 0.16 3.64
C ASP A 46 6.66 -0.48 3.88
N GLY A 47 6.65 -1.68 4.46
CA GLY A 47 7.89 -2.38 4.74
C GLY A 47 8.08 -2.58 6.23
N LEU A 48 7.64 -1.60 7.00
CA LEU A 48 7.73 -1.66 8.46
C LEU A 48 7.03 -2.91 8.96
N ILE A 49 5.75 -3.01 8.65
CA ILE A 49 4.92 -4.13 9.04
C ILE A 49 5.27 -5.37 8.21
N CYS A 50 6.51 -5.81 8.34
CA CYS A 50 6.99 -6.99 7.61
C CYS A 50 6.30 -8.26 8.09
N GLY A 51 5.57 -8.18 9.20
CA GLY A 51 4.89 -9.34 9.73
C GLY A 51 3.93 -9.98 8.73
N LEU A 52 3.56 -9.22 7.69
CA LEU A 52 2.65 -9.71 6.66
C LEU A 52 3.08 -11.06 6.12
N ARG A 53 4.31 -11.13 5.62
CA ARG A 53 4.85 -12.36 5.04
C ARG A 53 3.95 -12.89 3.93
N GLN A 54 4.20 -14.12 3.50
CA GLN A 54 3.42 -14.74 2.44
C GLN A 54 1.93 -14.64 2.73
N ALA A 1 8.49 -18.21 1.91
CA ALA A 1 7.86 -16.94 2.32
C ALA A 1 8.55 -15.74 1.69
N GLN A 2 7.75 -14.81 1.17
CA GLN A 2 8.30 -13.61 0.56
C GLN A 2 7.64 -12.36 1.14
N PRO A 3 8.06 -11.96 2.35
CA PRO A 3 7.51 -10.78 3.01
C PRO A 3 8.20 -9.49 2.60
N LYS A 4 8.08 -9.14 1.31
CA LYS A 4 8.68 -7.93 0.75
C LYS A 4 9.87 -7.43 1.57
N CYS A 5 9.58 -6.61 2.55
CA CYS A 5 10.61 -6.05 3.43
C CYS A 5 11.39 -4.95 2.73
N ASN A 6 10.67 -3.89 2.36
CA ASN A 6 11.28 -2.74 1.68
C ASN A 6 10.66 -1.45 2.21
N PRO A 7 11.17 -0.95 3.35
CA PRO A 7 10.68 0.29 3.98
C PRO A 7 11.15 1.56 3.27
N ASN A 8 11.53 1.42 2.00
CA ASN A 8 12.00 2.57 1.23
C ASN A 8 10.87 3.14 0.38
N LEU A 9 10.13 2.26 -0.29
CA LEU A 9 9.02 2.69 -1.14
C LEU A 9 7.84 3.16 -0.30
N HIS A 10 7.97 4.36 0.26
CA HIS A 10 6.92 4.93 1.10
C HIS A 10 5.72 5.39 0.27
N TYR A 11 5.86 5.37 -1.05
CA TYR A 11 4.77 5.80 -1.94
C TYR A 11 3.83 4.65 -2.27
N TRP A 12 4.39 3.51 -2.67
CA TRP A 12 3.58 2.35 -3.03
C TRP A 12 3.19 1.53 -1.82
N THR A 13 3.75 1.85 -0.65
CA THR A 13 3.45 1.13 0.57
C THR A 13 3.81 -0.36 0.43
N THR A 14 2.96 -1.12 -0.24
CA THR A 14 3.19 -2.54 -0.47
C THR A 14 1.96 -3.16 -1.12
N GLN A 15 0.85 -3.13 -0.38
CA GLN A 15 -0.40 -3.65 -0.89
C GLN A 15 -0.97 -2.67 -1.90
N ASP A 16 -0.39 -1.48 -1.92
CA ASP A 16 -0.80 -0.45 -2.85
C ASP A 16 0.05 -0.49 -4.11
N GLU A 17 1.13 -1.26 -4.07
CA GLU A 17 2.05 -1.40 -5.19
C GLU A 17 1.28 -1.59 -6.51
N GLY A 18 0.10 -2.16 -6.42
CA GLY A 18 -0.69 -2.40 -7.61
C GLY A 18 -1.52 -3.66 -7.52
N ALA A 19 -2.13 -3.89 -6.35
CA ALA A 19 -2.93 -5.09 -6.14
C ALA A 19 -4.43 -4.78 -6.24
N ALA A 20 -4.91 -3.88 -5.39
CA ALA A 20 -6.32 -3.51 -5.39
C ALA A 20 -6.45 -2.00 -5.36
N ILE A 21 -5.53 -1.35 -6.05
CA ILE A 21 -5.49 0.10 -6.12
C ILE A 21 -6.19 0.65 -7.36
N GLY A 22 -6.71 -0.24 -8.20
CA GLY A 22 -7.37 0.18 -9.41
C GLY A 22 -8.62 1.04 -9.18
N LEU A 23 -9.04 1.16 -7.93
CA LEU A 23 -10.23 1.96 -7.61
C LEU A 23 -9.85 3.37 -7.14
N ALA A 24 -8.74 3.45 -6.40
CA ALA A 24 -8.29 4.74 -5.87
C ALA A 24 -7.10 5.30 -6.65
N TRP A 25 -6.65 4.57 -7.66
CA TRP A 25 -5.52 5.00 -8.46
C TRP A 25 -5.73 6.39 -9.06
N ILE A 26 -6.96 6.88 -9.01
CA ILE A 26 -7.28 8.19 -9.55
C ILE A 26 -8.05 9.03 -8.54
N PRO A 27 -7.35 9.56 -7.52
CA PRO A 27 -7.95 10.39 -6.48
C PRO A 27 -8.87 11.47 -7.04
N TYR A 28 -10.16 11.15 -7.14
CA TYR A 28 -11.14 12.09 -7.67
C TYR A 28 -11.85 12.81 -6.52
N PHE A 29 -11.86 12.21 -5.34
CA PHE A 29 -12.52 12.80 -4.18
C PHE A 29 -11.70 13.97 -3.62
N GLY A 30 -10.38 13.87 -3.70
CA GLY A 30 -9.53 14.93 -3.20
C GLY A 30 -8.19 14.43 -2.69
N PRO A 31 -8.18 13.61 -1.62
CA PRO A 31 -6.95 13.06 -1.06
C PRO A 31 -6.17 12.23 -2.07
N ALA A 32 -5.23 11.44 -1.57
CA ALA A 32 -4.42 10.58 -2.43
C ALA A 32 -5.25 9.45 -3.00
N ALA A 33 -6.03 8.80 -2.13
CA ALA A 33 -6.89 7.69 -2.55
C ALA A 33 -6.07 6.45 -2.90
N GLU A 34 -5.11 6.65 -3.78
CA GLU A 34 -4.23 5.60 -4.27
C GLU A 34 -3.86 4.60 -3.16
N GLY A 35 -3.86 5.04 -1.91
CA GLY A 35 -3.54 4.16 -0.81
C GLY A 35 -4.60 4.17 0.27
N ILE A 36 -5.10 5.36 0.58
CA ILE A 36 -6.13 5.53 1.61
C ILE A 36 -7.52 5.09 1.14
N TYR A 37 -7.75 5.12 -0.18
CA TYR A 37 -9.05 4.72 -0.71
C TYR A 37 -8.91 3.49 -1.60
N ALA A 38 -7.67 3.07 -1.83
CA ALA A 38 -7.39 1.90 -2.64
C ALA A 38 -7.05 0.73 -1.74
N GLU A 39 -6.41 1.04 -0.61
CA GLU A 39 -6.03 0.01 0.34
C GLU A 39 -6.71 0.23 1.69
N GLY A 40 -6.94 1.48 2.02
CA GLY A 40 -7.58 1.85 3.28
C GLY A 40 -7.23 0.95 4.44
N LEU A 41 -5.97 0.53 4.54
CA LEU A 41 -5.57 -0.33 5.65
C LEU A 41 -4.06 -0.59 5.70
N MET A 42 -3.52 -1.21 4.66
CA MET A 42 -2.09 -1.49 4.61
C MET A 42 -1.34 -0.42 3.83
N HIS A 43 -2.01 0.68 3.53
CA HIS A 43 -1.40 1.78 2.81
C HIS A 43 -0.24 2.37 3.60
N ASN A 44 -0.12 1.98 4.85
CA ASN A 44 0.95 2.48 5.71
C ASN A 44 2.16 1.55 5.74
N GLN A 45 1.92 0.26 5.61
CA GLN A 45 2.99 -0.72 5.62
C GLN A 45 3.89 -0.54 4.41
N ASP A 46 4.72 0.50 4.46
CA ASP A 46 5.63 0.82 3.38
C ASP A 46 6.88 -0.07 3.40
N GLY A 47 6.80 -1.21 4.09
CA GLY A 47 7.92 -2.11 4.18
C GLY A 47 8.31 -2.39 5.60
N LEU A 48 8.09 -1.41 6.47
CA LEU A 48 8.40 -1.53 7.89
C LEU A 48 7.76 -2.77 8.47
N ILE A 49 6.44 -2.84 8.31
CA ILE A 49 5.65 -3.94 8.81
C ILE A 49 5.93 -5.20 8.01
N CYS A 50 7.15 -5.71 8.14
CA CYS A 50 7.57 -6.91 7.43
C CYS A 50 6.96 -8.16 8.04
N GLY A 51 6.28 -8.01 9.18
CA GLY A 51 5.65 -9.14 9.84
C GLY A 51 4.58 -9.83 9.02
N LEU A 52 4.30 -9.30 7.83
CA LEU A 52 3.28 -9.86 6.95
C LEU A 52 3.72 -11.13 6.23
N ARG A 53 4.64 -11.89 6.83
CA ARG A 53 5.11 -13.13 6.22
C ARG A 53 4.12 -14.26 6.44
N GLN A 54 4.34 -15.39 5.77
CA GLN A 54 3.46 -16.54 5.88
C GLN A 54 2.06 -16.22 5.39
N ALA A 1 7.17 -15.91 5.12
CA ALA A 1 8.00 -15.71 3.91
C ALA A 1 8.93 -14.51 4.07
N GLN A 2 9.56 -14.12 2.96
CA GLN A 2 10.48 -12.99 2.94
C GLN A 2 10.09 -12.02 1.82
N PRO A 3 9.09 -11.18 2.06
CA PRO A 3 8.62 -10.21 1.07
C PRO A 3 9.74 -9.31 0.58
N LYS A 4 10.25 -8.48 1.48
CA LYS A 4 11.32 -7.54 1.18
C LYS A 4 11.54 -6.59 2.35
N CYS A 5 10.45 -6.30 3.05
CA CYS A 5 10.49 -5.41 4.20
C CYS A 5 11.17 -4.09 3.89
N ASN A 6 10.53 -3.29 3.05
CA ASN A 6 11.06 -1.99 2.67
C ASN A 6 10.19 -0.89 3.26
N PRO A 7 10.41 -0.56 4.55
CA PRO A 7 9.63 0.48 5.25
C PRO A 7 9.96 1.90 4.79
N ASN A 8 10.70 2.01 3.67
CA ASN A 8 11.08 3.31 3.13
C ASN A 8 10.10 3.73 2.02
N LEU A 9 9.33 2.78 1.51
CA LEU A 9 8.37 3.07 0.45
C LEU A 9 6.98 3.35 1.03
N HIS A 10 6.83 4.53 1.62
CA HIS A 10 5.56 4.94 2.21
C HIS A 10 4.57 5.45 1.17
N TYR A 11 5.04 5.60 -0.07
CA TYR A 11 4.18 6.09 -1.14
C TYR A 11 3.14 5.07 -1.58
N TRP A 12 3.59 3.96 -2.15
CA TRP A 12 2.69 2.92 -2.64
C TRP A 12 2.44 1.83 -1.59
N THR A 13 3.06 1.96 -0.43
CA THR A 13 2.89 0.97 0.63
C THR A 13 3.39 -0.41 0.17
N THR A 14 2.61 -1.09 -0.68
CA THR A 14 3.01 -2.40 -1.18
C THR A 14 1.86 -3.00 -1.96
N GLN A 15 0.75 -3.26 -1.27
CA GLN A 15 -0.43 -3.80 -1.90
C GLN A 15 -1.01 -2.77 -2.84
N ASP A 16 -0.58 -1.52 -2.67
CA ASP A 16 -1.06 -0.44 -3.49
C ASP A 16 -0.13 -0.20 -4.69
N GLU A 17 1.06 -0.82 -4.65
CA GLU A 17 2.03 -0.67 -5.72
C GLU A 17 1.39 -0.98 -7.07
N GLY A 18 0.43 -1.89 -7.06
CA GLY A 18 -0.25 -2.27 -8.29
C GLY A 18 -1.00 -3.58 -8.13
N ALA A 19 -1.64 -3.76 -6.98
CA ALA A 19 -2.40 -4.97 -6.70
C ALA A 19 -3.77 -4.66 -6.12
N ALA A 20 -3.87 -3.56 -5.37
CA ALA A 20 -5.13 -3.16 -4.77
C ALA A 20 -5.32 -1.66 -4.90
N ILE A 21 -5.27 -1.19 -6.13
CA ILE A 21 -5.42 0.22 -6.42
C ILE A 21 -6.86 0.57 -6.78
N GLY A 22 -7.63 -0.45 -7.17
CA GLY A 22 -9.03 -0.27 -7.53
C GLY A 22 -9.39 1.11 -8.06
N LEU A 23 -10.60 1.55 -7.72
CA LEU A 23 -11.10 2.86 -8.16
C LEU A 23 -10.26 4.00 -7.59
N ALA A 24 -9.49 3.71 -6.55
CA ALA A 24 -8.66 4.71 -5.90
C ALA A 24 -7.35 4.94 -6.64
N TRP A 25 -7.17 4.24 -7.76
CA TRP A 25 -5.95 4.37 -8.55
C TRP A 25 -5.86 5.71 -9.27
N ILE A 26 -6.51 6.73 -8.73
CA ILE A 26 -6.49 8.07 -9.31
C ILE A 26 -6.84 9.12 -8.26
N PRO A 27 -5.92 9.38 -7.32
CA PRO A 27 -6.12 10.37 -6.26
C PRO A 27 -6.62 11.72 -6.78
N TYR A 28 -7.93 11.85 -6.89
CA TYR A 28 -8.54 13.08 -7.38
C TYR A 28 -8.97 13.98 -6.22
N PHE A 29 -9.31 13.37 -5.09
CA PHE A 29 -9.75 14.11 -3.91
C PHE A 29 -8.59 14.86 -3.26
N GLY A 30 -7.41 14.26 -3.28
CA GLY A 30 -6.25 14.89 -2.68
C GLY A 30 -5.22 13.88 -2.19
N PRO A 31 -5.57 13.05 -1.19
CA PRO A 31 -4.66 12.03 -0.66
C PRO A 31 -4.19 11.08 -1.74
N ALA A 32 -3.66 9.94 -1.31
CA ALA A 32 -3.17 8.94 -2.26
C ALA A 32 -4.33 8.18 -2.86
N ALA A 33 -5.26 7.74 -2.00
CA ALA A 33 -6.44 6.99 -2.45
C ALA A 33 -6.07 5.59 -2.90
N GLU A 34 -5.10 5.53 -3.80
CA GLU A 34 -4.61 4.30 -4.38
C GLU A 34 -4.58 3.15 -3.36
N GLY A 35 -4.36 3.48 -2.09
CA GLY A 35 -4.32 2.46 -1.07
C GLY A 35 -5.26 2.73 0.09
N ILE A 36 -5.63 3.99 0.28
CA ILE A 36 -6.52 4.36 1.38
C ILE A 36 -7.97 4.46 0.95
N TYR A 37 -8.22 4.58 -0.36
CA TYR A 37 -9.60 4.66 -0.85
C TYR A 37 -9.95 3.45 -1.70
N ALA A 38 -8.93 2.66 -2.04
CA ALA A 38 -9.12 1.46 -2.85
C ALA A 38 -9.05 0.22 -1.98
N GLU A 39 -8.17 0.28 -0.99
CA GLU A 39 -7.97 -0.85 -0.08
C GLU A 39 -8.30 -0.45 1.36
N GLY A 40 -8.05 0.81 1.70
CA GLY A 40 -8.32 1.29 3.04
C GLY A 40 -8.00 0.25 4.12
N LEU A 41 -6.79 -0.30 4.07
CA LEU A 41 -6.39 -1.31 5.03
C LEU A 41 -4.91 -1.68 4.89
N MET A 42 -4.47 -1.90 3.65
CA MET A 42 -3.08 -2.24 3.38
C MET A 42 -2.28 -1.01 2.99
N HIS A 43 -2.87 0.17 3.17
CA HIS A 43 -2.19 1.41 2.84
C HIS A 43 -1.03 1.65 3.80
N ASN A 44 -0.98 0.87 4.87
CA ASN A 44 0.06 1.00 5.87
C ASN A 44 1.22 0.03 5.63
N GLN A 45 0.96 -0.99 4.83
CA GLN A 45 1.98 -2.00 4.52
C GLN A 45 3.07 -1.39 3.65
N ASP A 46 3.77 -0.40 4.18
CA ASP A 46 4.84 0.27 3.45
C ASP A 46 6.18 -0.34 3.77
N GLY A 47 6.17 -1.59 4.25
CA GLY A 47 7.40 -2.26 4.60
C GLY A 47 7.47 -2.55 6.08
N LEU A 48 6.90 -1.64 6.86
CA LEU A 48 6.85 -1.78 8.31
C LEU A 48 6.24 -3.12 8.68
N ILE A 49 5.09 -3.40 8.09
CA ILE A 49 4.38 -4.64 8.34
C ILE A 49 4.95 -5.78 7.51
N CYS A 50 6.25 -6.00 7.66
CA CYS A 50 6.95 -7.05 6.93
C CYS A 50 7.10 -8.30 7.79
N GLY A 51 6.72 -8.19 9.07
CA GLY A 51 6.82 -9.31 9.98
C GLY A 51 6.05 -10.55 9.55
N LEU A 52 5.35 -10.46 8.43
CA LEU A 52 4.55 -11.58 7.92
C LEU A 52 5.42 -12.75 7.42
N ARG A 53 6.62 -12.90 7.97
CA ARG A 53 7.51 -14.00 7.56
C ARG A 53 7.04 -15.32 8.17
N GLN A 54 7.89 -16.34 8.09
CA GLN A 54 7.56 -17.65 8.63
C GLN A 54 6.30 -18.21 7.99
N ALA A 1 11.58 -15.51 6.47
CA ALA A 1 10.85 -14.75 5.41
C ALA A 1 11.63 -13.51 4.98
N GLN A 2 11.70 -13.29 3.68
CA GLN A 2 12.39 -12.13 3.14
C GLN A 2 11.50 -11.36 2.18
N PRO A 3 10.54 -10.59 2.73
CA PRO A 3 9.61 -9.79 1.92
C PRO A 3 10.32 -8.62 1.24
N LYS A 4 10.81 -7.69 2.07
CA LYS A 4 11.51 -6.51 1.59
C LYS A 4 11.89 -5.61 2.76
N CYS A 5 11.02 -5.59 3.76
CA CYS A 5 11.24 -4.79 4.96
C CYS A 5 11.75 -3.39 4.63
N ASN A 6 10.97 -2.66 3.84
CA ASN A 6 11.34 -1.30 3.45
C ASN A 6 10.20 -0.33 3.78
N PRO A 7 10.12 0.14 5.04
CA PRO A 7 9.08 1.06 5.49
C PRO A 7 9.30 2.50 5.01
N ASN A 8 10.07 2.66 3.95
CA ASN A 8 10.35 3.97 3.39
C ASN A 8 9.40 4.27 2.23
N LEU A 9 8.91 3.22 1.58
CA LEU A 9 7.99 3.37 0.45
C LEU A 9 6.54 3.25 0.91
N HIS A 10 6.06 4.27 1.62
CA HIS A 10 4.69 4.28 2.12
C HIS A 10 3.68 4.53 1.00
N TYR A 11 4.17 4.83 -0.20
CA TYR A 11 3.30 5.10 -1.33
C TYR A 11 2.65 3.82 -1.86
N TRP A 12 3.47 2.86 -2.29
CA TRP A 12 2.97 1.61 -2.84
C TRP A 12 2.55 0.63 -1.74
N THR A 13 3.09 0.81 -0.54
CA THR A 13 2.76 -0.07 0.58
C THR A 13 3.10 -1.52 0.24
N THR A 14 2.20 -2.20 -0.49
CA THR A 14 2.41 -3.59 -0.87
C THR A 14 1.18 -4.09 -1.60
N GLN A 15 0.05 -4.12 -0.90
CA GLN A 15 -1.20 -4.54 -1.48
C GLN A 15 -1.70 -3.47 -2.44
N ASP A 16 -1.05 -2.31 -2.37
CA ASP A 16 -1.41 -1.20 -3.23
C ASP A 16 -0.53 -1.19 -4.49
N GLU A 17 0.51 -2.01 -4.47
CA GLU A 17 1.44 -2.10 -5.60
C GLU A 17 0.70 -2.20 -6.93
N GLY A 18 -0.51 -2.73 -6.90
CA GLY A 18 -1.29 -2.86 -8.12
C GLY A 18 -2.23 -4.05 -8.08
N ALA A 19 -2.85 -4.28 -6.93
CA ALA A 19 -3.77 -5.39 -6.77
C ALA A 19 -5.22 -4.95 -6.94
N ALA A 20 -5.66 -4.04 -6.07
CA ALA A 20 -7.03 -3.54 -6.13
C ALA A 20 -7.03 -2.03 -6.02
N ILE A 21 -6.03 -1.42 -6.62
CA ILE A 21 -5.86 0.01 -6.58
C ILE A 21 -6.44 0.71 -7.81
N GLY A 22 -6.98 -0.08 -8.74
CA GLY A 22 -7.56 0.49 -9.95
C GLY A 22 -8.60 1.56 -9.71
N LEU A 23 -9.11 1.66 -8.48
CA LEU A 23 -10.14 2.66 -8.17
C LEU A 23 -9.56 3.90 -7.51
N ALA A 24 -8.58 3.71 -6.63
CA ALA A 24 -7.97 4.82 -5.91
C ALA A 24 -6.60 5.20 -6.46
N TRP A 25 -6.15 4.54 -7.51
CA TRP A 25 -4.83 4.82 -8.07
C TRP A 25 -4.80 6.16 -8.80
N ILE A 26 -5.62 7.11 -8.34
CA ILE A 26 -5.66 8.44 -8.93
C ILE A 26 -6.25 9.45 -7.94
N PRO A 27 -5.47 9.82 -6.90
CA PRO A 27 -5.91 10.77 -5.87
C PRO A 27 -6.47 12.05 -6.46
N TYR A 28 -7.76 12.03 -6.79
CA TYR A 28 -8.43 13.19 -7.36
C TYR A 28 -9.17 13.98 -6.28
N PHE A 29 -9.65 13.27 -5.27
CA PHE A 29 -10.40 13.89 -4.18
C PHE A 29 -9.48 14.78 -3.33
N GLY A 30 -8.23 14.37 -3.17
CA GLY A 30 -7.30 15.13 -2.38
C GLY A 30 -6.26 14.26 -1.69
N PRO A 31 -6.68 13.38 -0.77
CA PRO A 31 -5.78 12.49 -0.05
C PRO A 31 -5.00 11.58 -0.99
N ALA A 32 -4.38 10.56 -0.42
CA ALA A 32 -3.61 9.62 -1.22
C ALA A 32 -4.53 8.73 -2.04
N ALA A 33 -5.54 8.16 -1.39
CA ALA A 33 -6.51 7.29 -2.06
C ALA A 33 -5.88 5.98 -2.49
N GLU A 34 -4.79 6.10 -3.23
CA GLU A 34 -4.04 4.97 -3.75
C GLU A 34 -4.00 3.79 -2.77
N GLY A 35 -4.05 4.09 -1.48
CA GLY A 35 -4.02 3.03 -0.48
C GLY A 35 -5.17 3.12 0.51
N ILE A 36 -5.65 4.33 0.77
CA ILE A 36 -6.74 4.52 1.71
C ILE A 36 -8.12 4.41 1.04
N TYR A 37 -8.15 4.61 -0.28
CA TYR A 37 -9.41 4.50 -1.02
C TYR A 37 -9.37 3.31 -1.97
N ALA A 38 -8.18 2.72 -2.13
CA ALA A 38 -8.00 1.58 -3.01
C ALA A 38 -7.90 0.31 -2.19
N GLU A 39 -7.25 0.41 -1.04
CA GLU A 39 -7.05 -0.73 -0.16
C GLU A 39 -7.69 -0.50 1.20
N GLY A 40 -7.71 0.75 1.64
CA GLY A 40 -8.31 1.12 2.92
C GLY A 40 -8.07 0.09 4.02
N LEU A 41 -6.83 -0.40 4.15
CA LEU A 41 -6.53 -1.38 5.19
C LEU A 41 -5.06 -1.78 5.19
N MET A 42 -4.59 -2.36 4.09
CA MET A 42 -3.20 -2.79 3.99
C MET A 42 -2.33 -1.68 3.40
N HIS A 43 -2.87 -0.48 3.32
CA HIS A 43 -2.11 0.64 2.79
C HIS A 43 -0.93 0.97 3.70
N ASN A 44 -0.92 0.38 4.90
CA ASN A 44 0.16 0.62 5.84
C ASN A 44 1.27 -0.42 5.71
N GLN A 45 0.98 -1.50 4.99
CA GLN A 45 1.97 -2.56 4.79
C GLN A 45 3.05 -2.11 3.82
N ASP A 46 3.73 -1.03 4.17
CA ASP A 46 4.80 -0.48 3.34
C ASP A 46 6.16 -0.93 3.82
N GLY A 47 6.20 -2.03 4.56
CA GLY A 47 7.47 -2.54 5.07
C GLY A 47 7.41 -2.68 6.59
N LEU A 48 6.65 -1.81 7.23
CA LEU A 48 6.50 -1.85 8.68
C LEU A 48 6.02 -3.22 9.12
N ILE A 49 4.90 -3.63 8.56
CA ILE A 49 4.30 -4.91 8.86
C ILE A 49 5.02 -6.04 8.12
N CYS A 50 6.31 -6.18 8.39
CA CYS A 50 7.12 -7.22 7.76
C CYS A 50 6.64 -8.62 8.15
N GLY A 51 5.80 -8.69 9.18
CA GLY A 51 5.28 -9.98 9.62
C GLY A 51 4.52 -10.72 8.55
N LEU A 52 4.15 -10.01 7.48
CA LEU A 52 3.41 -10.62 6.38
C LEU A 52 4.19 -11.77 5.75
N ARG A 53 5.50 -11.61 5.63
CA ARG A 53 6.36 -12.63 5.03
C ARG A 53 6.10 -12.79 3.55
N GLN A 54 6.57 -13.89 2.98
CA GLN A 54 6.39 -14.16 1.56
C GLN A 54 4.97 -14.62 1.28
N ALA A 1 10.31 -14.74 7.67
CA ALA A 1 10.42 -14.41 6.22
C ALA A 1 11.19 -13.12 6.01
N GLN A 2 11.43 -12.81 4.75
CA GLN A 2 12.16 -11.60 4.38
C GLN A 2 11.38 -10.81 3.33
N PRO A 3 10.33 -10.09 3.75
CA PRO A 3 9.50 -9.29 2.84
C PRO A 3 10.30 -8.17 2.18
N LYS A 4 10.74 -7.22 3.00
CA LYS A 4 11.52 -6.07 2.53
C LYS A 4 11.69 -5.04 3.63
N CYS A 5 10.69 -4.95 4.48
CA CYS A 5 10.69 -4.01 5.59
C CYS A 5 11.19 -2.63 5.17
N ASN A 6 10.65 -2.13 4.06
CA ASN A 6 11.03 -0.82 3.53
C ASN A 6 9.80 0.07 3.41
N PRO A 7 9.41 0.74 4.52
CA PRO A 7 8.24 1.62 4.53
C PRO A 7 8.49 2.96 3.86
N ASN A 8 9.70 3.16 3.36
CA ASN A 8 10.07 4.40 2.67
C ASN A 8 9.22 4.59 1.42
N LEU A 9 8.99 3.51 0.69
CA LEU A 9 8.21 3.56 -0.55
C LEU A 9 6.75 3.19 -0.28
N HIS A 10 6.10 3.94 0.59
CA HIS A 10 4.71 3.71 0.95
C HIS A 10 3.76 4.12 -0.17
N TYR A 11 4.29 4.74 -1.22
CA TYR A 11 3.48 5.19 -2.34
C TYR A 11 2.78 4.03 -3.02
N TRP A 12 3.39 2.85 -2.94
CA TRP A 12 2.82 1.65 -3.56
C TRP A 12 2.48 0.59 -2.52
N THR A 13 3.01 0.73 -1.31
CA THR A 13 2.76 -0.23 -0.23
C THR A 13 3.13 -1.65 -0.67
N THR A 14 2.25 -2.29 -1.44
CA THR A 14 2.49 -3.64 -1.93
C THR A 14 1.28 -4.10 -2.72
N GLN A 15 0.14 -4.20 -2.04
CA GLN A 15 -1.10 -4.58 -2.68
C GLN A 15 -1.62 -3.43 -3.51
N ASP A 16 -1.03 -2.26 -3.29
CA ASP A 16 -1.40 -1.07 -4.01
C ASP A 16 -0.54 -0.90 -5.26
N GLU A 17 0.52 -1.71 -5.35
CA GLU A 17 1.45 -1.66 -6.48
C GLU A 17 0.70 -1.60 -7.81
N GLY A 18 -0.51 -2.12 -7.84
CA GLY A 18 -1.30 -2.09 -9.07
C GLY A 18 -2.18 -3.31 -9.21
N ALA A 19 -2.80 -3.74 -8.12
CA ALA A 19 -3.67 -4.91 -8.13
C ALA A 19 -5.15 -4.52 -8.19
N ALA A 20 -5.60 -3.80 -7.18
CA ALA A 20 -7.00 -3.36 -7.13
C ALA A 20 -7.06 -1.88 -6.79
N ILE A 21 -6.12 -1.14 -7.33
CA ILE A 21 -6.02 0.28 -7.10
C ILE A 21 -6.69 1.11 -8.20
N GLY A 22 -7.26 0.44 -9.19
CA GLY A 22 -7.91 1.14 -10.29
C GLY A 22 -9.01 2.09 -9.86
N LEU A 23 -9.42 2.06 -8.59
CA LEU A 23 -10.49 2.93 -8.13
C LEU A 23 -9.94 4.18 -7.42
N ALA A 24 -8.86 4.01 -6.67
CA ALA A 24 -8.26 5.12 -5.94
C ALA A 24 -6.99 5.65 -6.59
N TRP A 25 -6.62 5.08 -7.74
CA TRP A 25 -5.41 5.49 -8.44
C TRP A 25 -5.49 6.90 -9.01
N ILE A 26 -6.26 7.77 -8.35
CA ILE A 26 -6.40 9.16 -8.81
C ILE A 26 -6.86 10.08 -7.68
N PRO A 27 -5.99 10.34 -6.69
CA PRO A 27 -6.33 11.22 -5.57
C PRO A 27 -6.81 12.60 -6.05
N TYR A 28 -8.12 12.80 -6.03
CA TYR A 28 -8.69 14.07 -6.49
C TYR A 28 -8.95 15.04 -5.34
N PHE A 29 -9.70 14.60 -4.33
CA PHE A 29 -10.02 15.45 -3.19
C PHE A 29 -9.47 14.89 -1.89
N GLY A 30 -9.47 13.56 -1.77
CA GLY A 30 -8.98 12.93 -0.56
C GLY A 30 -7.48 12.70 -0.59
N PRO A 31 -6.93 12.06 0.46
CA PRO A 31 -5.49 11.77 0.54
C PRO A 31 -5.00 10.99 -0.66
N ALA A 32 -3.87 10.31 -0.51
CA ALA A 32 -3.28 9.52 -1.59
C ALA A 32 -4.36 8.69 -2.30
N ALA A 33 -5.17 7.97 -1.50
CA ALA A 33 -6.23 7.13 -2.04
C ALA A 33 -5.68 5.90 -2.74
N GLU A 34 -4.70 6.14 -3.60
CA GLU A 34 -4.05 5.11 -4.38
C GLU A 34 -3.86 3.80 -3.59
N GLY A 35 -3.75 3.92 -2.27
CA GLY A 35 -3.58 2.74 -1.44
C GLY A 35 -4.57 2.70 -0.30
N ILE A 36 -4.77 3.85 0.34
CA ILE A 36 -5.69 3.97 1.47
C ILE A 36 -7.15 3.94 1.04
N TYR A 37 -7.43 4.33 -0.21
CA TYR A 37 -8.81 4.33 -0.71
C TYR A 37 -8.98 3.31 -1.83
N ALA A 38 -7.87 2.74 -2.26
CA ALA A 38 -7.88 1.72 -3.31
C ALA A 38 -7.82 0.35 -2.69
N GLU A 39 -7.14 0.26 -1.55
CA GLU A 39 -6.99 -1.00 -0.83
C GLU A 39 -7.60 -0.92 0.56
N GLY A 40 -7.53 0.28 1.16
CA GLY A 40 -8.08 0.50 2.48
C GLY A 40 -7.83 -0.65 3.45
N LEU A 41 -6.61 -1.20 3.45
CA LEU A 41 -6.29 -2.30 4.36
C LEU A 41 -4.83 -2.70 4.28
N MET A 42 -4.40 -3.15 3.10
CA MET A 42 -3.02 -3.58 2.90
C MET A 42 -2.14 -2.41 2.46
N HIS A 43 -2.68 -1.20 2.54
CA HIS A 43 -1.92 -0.01 2.16
C HIS A 43 -0.73 0.20 3.09
N ASN A 44 -0.70 -0.55 4.18
CA ASN A 44 0.38 -0.44 5.15
C ASN A 44 1.45 -1.50 4.91
N GLN A 45 1.16 -2.44 4.00
CA GLN A 45 2.10 -3.52 3.69
C GLN A 45 3.31 -3.01 2.92
N ASP A 46 3.98 -2.00 3.45
CA ASP A 46 5.16 -1.44 2.82
C ASP A 46 6.41 -1.69 3.66
N GLY A 47 6.34 -2.69 4.53
CA GLY A 47 7.46 -2.99 5.40
C GLY A 47 7.10 -2.79 6.86
N LEU A 48 6.19 -1.85 7.11
CA LEU A 48 5.72 -1.57 8.46
C LEU A 48 5.13 -2.83 9.07
N ILE A 49 4.19 -3.41 8.33
CA ILE A 49 3.53 -4.63 8.76
C ILE A 49 4.31 -5.85 8.26
N CYS A 50 5.59 -5.88 8.60
CA CYS A 50 6.48 -6.97 8.21
C CYS A 50 6.05 -8.31 8.81
N GLY A 51 5.11 -8.27 9.76
CA GLY A 51 4.64 -9.48 10.41
C GLY A 51 4.10 -10.54 9.46
N LEU A 52 4.06 -10.22 8.16
CA LEU A 52 3.55 -11.14 7.14
C LEU A 52 4.59 -12.21 6.78
N ARG A 53 5.49 -12.54 7.71
CA ARG A 53 6.52 -13.53 7.46
C ARG A 53 5.89 -14.90 7.18
N GLN A 54 6.67 -15.97 7.34
CA GLN A 54 6.17 -17.32 7.10
C GLN A 54 5.69 -17.48 5.66
N ALA A 1 10.29 -15.79 7.10
CA ALA A 1 9.85 -15.34 5.76
C ALA A 1 10.72 -14.23 5.22
N GLN A 2 10.76 -14.10 3.90
CA GLN A 2 11.54 -13.07 3.26
C GLN A 2 10.70 -12.27 2.27
N PRO A 3 9.85 -11.36 2.78
CA PRO A 3 8.98 -10.52 1.94
C PRO A 3 9.79 -9.51 1.13
N LYS A 4 10.42 -8.59 1.84
CA LYS A 4 11.24 -7.55 1.22
C LYS A 4 11.76 -6.57 2.27
N CYS A 5 10.97 -6.39 3.31
CA CYS A 5 11.33 -5.50 4.41
C CYS A 5 11.92 -4.18 3.90
N ASN A 6 11.19 -3.55 2.99
CA ASN A 6 11.61 -2.27 2.42
C ASN A 6 10.72 -1.14 2.91
N PRO A 7 11.00 -0.59 4.10
CA PRO A 7 10.21 0.50 4.68
C PRO A 7 10.55 1.88 4.10
N ASN A 8 11.10 1.88 2.89
CA ASN A 8 11.47 3.13 2.23
C ASN A 8 10.38 3.57 1.26
N LEU A 9 9.63 2.60 0.73
CA LEU A 9 8.55 2.89 -0.19
C LEU A 9 7.21 3.04 0.54
N HIS A 10 7.07 4.15 1.26
CA HIS A 10 5.85 4.43 2.01
C HIS A 10 4.68 4.78 1.09
N TYR A 11 4.95 4.94 -0.20
CA TYR A 11 3.91 5.28 -1.16
C TYR A 11 3.16 4.04 -1.64
N TRP A 12 3.86 3.16 -2.36
CA TRP A 12 3.26 1.94 -2.88
C TRP A 12 2.93 0.95 -1.77
N THR A 13 3.55 1.13 -0.60
CA THR A 13 3.32 0.25 0.54
C THR A 13 3.74 -1.19 0.19
N THR A 14 2.89 -1.90 -0.56
CA THR A 14 3.19 -3.27 -0.96
C THR A 14 1.97 -3.87 -1.66
N GLN A 15 0.89 -3.98 -0.91
CA GLN A 15 -0.36 -4.49 -1.44
C GLN A 15 -1.00 -3.41 -2.31
N ASP A 16 -0.50 -2.19 -2.15
CA ASP A 16 -0.98 -1.08 -2.92
C ASP A 16 -0.12 -0.86 -4.16
N GLU A 17 1.01 -1.55 -4.21
CA GLU A 17 1.93 -1.44 -5.34
C GLU A 17 1.20 -1.47 -6.68
N GLY A 18 0.04 -2.12 -6.70
CA GLY A 18 -0.73 -2.20 -7.92
C GLY A 18 -1.61 -3.43 -7.96
N ALA A 19 -2.22 -3.76 -6.83
CA ALA A 19 -3.07 -4.94 -6.74
C ALA A 19 -4.56 -4.59 -6.89
N ALA A 20 -5.04 -3.70 -6.03
CA ALA A 20 -6.44 -3.28 -6.08
C ALA A 20 -6.54 -1.76 -6.00
N ILE A 21 -5.63 -1.11 -6.71
CA ILE A 21 -5.57 0.33 -6.74
C ILE A 21 -6.31 0.94 -7.93
N GLY A 22 -6.88 0.09 -8.76
CA GLY A 22 -7.60 0.56 -9.94
C GLY A 22 -8.77 1.48 -9.62
N LEU A 23 -9.19 1.54 -8.37
CA LEU A 23 -10.32 2.39 -7.99
C LEU A 23 -9.86 3.71 -7.37
N ALA A 24 -8.71 3.69 -6.71
CA ALA A 24 -8.17 4.88 -6.07
C ALA A 24 -7.02 5.50 -6.86
N TRP A 25 -6.69 4.92 -8.00
CA TRP A 25 -5.59 5.42 -8.81
C TRP A 25 -5.94 6.76 -9.49
N ILE A 26 -6.78 7.55 -8.84
CA ILE A 26 -7.16 8.85 -9.37
C ILE A 26 -7.68 9.75 -8.24
N PRO A 27 -6.77 10.24 -7.38
CA PRO A 27 -7.12 11.11 -6.26
C PRO A 27 -8.12 12.21 -6.63
N TYR A 28 -9.40 11.86 -6.58
CA TYR A 28 -10.46 12.81 -6.92
C TYR A 28 -11.03 13.46 -5.66
N PHE A 29 -11.18 12.67 -4.61
CA PHE A 29 -11.75 13.16 -3.35
C PHE A 29 -10.93 14.33 -2.78
N GLY A 30 -9.62 14.29 -2.99
CA GLY A 30 -8.76 15.35 -2.50
C GLY A 30 -7.39 14.85 -2.08
N PRO A 31 -7.34 13.82 -1.22
CA PRO A 31 -6.08 13.25 -0.75
C PRO A 31 -5.48 12.33 -1.81
N ALA A 32 -4.39 11.66 -1.46
CA ALA A 32 -3.74 10.74 -2.39
C ALA A 32 -4.72 9.67 -2.86
N ALA A 33 -5.38 9.02 -1.91
CA ALA A 33 -6.35 7.97 -2.22
C ALA A 33 -5.66 6.72 -2.75
N GLU A 34 -4.80 6.92 -3.74
CA GLU A 34 -4.05 5.86 -4.38
C GLU A 34 -3.59 4.77 -3.40
N GLY A 35 -3.46 5.13 -2.12
CA GLY A 35 -3.03 4.16 -1.13
C GLY A 35 -4.12 3.78 -0.14
N ILE A 36 -4.66 4.78 0.56
CA ILE A 36 -5.69 4.55 1.56
C ILE A 36 -7.08 4.30 0.96
N TYR A 37 -7.31 4.76 -0.25
CA TYR A 37 -8.61 4.57 -0.90
C TYR A 37 -8.53 3.43 -1.90
N ALA A 38 -7.32 3.00 -2.17
CA ALA A 38 -7.07 1.91 -3.11
C ALA A 38 -6.83 0.61 -2.34
N GLU A 39 -6.30 0.75 -1.13
CA GLU A 39 -6.02 -0.41 -0.30
C GLU A 39 -6.82 -0.37 1.01
N GLY A 40 -7.06 0.84 1.50
CA GLY A 40 -7.82 1.05 2.73
C GLY A 40 -7.58 0.00 3.79
N LEU A 41 -6.34 -0.45 3.96
CA LEU A 41 -6.04 -1.46 4.98
C LEU A 41 -4.55 -1.78 5.06
N MET A 42 -3.97 -2.30 3.98
CA MET A 42 -2.54 -2.62 3.97
C MET A 42 -1.72 -1.48 3.38
N HIS A 43 -2.35 -0.32 3.20
CA HIS A 43 -1.67 0.84 2.66
C HIS A 43 -0.53 1.29 3.58
N ASN A 44 -0.48 0.72 4.78
CA ASN A 44 0.55 1.10 5.74
C ASN A 44 1.75 0.16 5.72
N GLN A 45 1.50 -1.12 5.45
CA GLN A 45 2.59 -2.09 5.41
C GLN A 45 3.53 -1.79 4.25
N ASP A 46 4.29 -0.72 4.40
CA ASP A 46 5.24 -0.29 3.38
C ASP A 46 6.64 -0.83 3.65
N GLY A 47 6.72 -1.90 4.42
CA GLY A 47 8.01 -2.49 4.76
C GLY A 47 8.21 -2.58 6.25
N LEU A 48 7.65 -1.62 6.98
CA LEU A 48 7.74 -1.59 8.43
C LEU A 48 7.15 -2.86 9.01
N ILE A 49 5.88 -3.08 8.70
CA ILE A 49 5.15 -4.24 9.17
C ILE A 49 5.61 -5.49 8.43
N CYS A 50 6.86 -5.85 8.66
CA CYS A 50 7.46 -7.03 8.03
C CYS A 50 6.84 -8.32 8.55
N GLY A 51 5.99 -8.21 9.58
CA GLY A 51 5.36 -9.39 10.15
C GLY A 51 4.39 -10.07 9.19
N LEU A 52 4.21 -9.51 8.00
CA LEU A 52 3.30 -10.08 7.01
C LEU A 52 3.80 -11.45 6.54
N ARG A 53 5.13 -11.62 6.51
CA ARG A 53 5.74 -12.88 6.08
C ARG A 53 5.13 -13.36 4.77
N GLN A 54 5.50 -14.56 4.36
CA GLN A 54 4.98 -15.16 3.12
C GLN A 54 5.28 -14.26 1.93
N ALA A 1 9.78 -17.14 5.80
CA ALA A 1 9.19 -16.21 4.81
C ALA A 1 10.19 -15.14 4.41
N GLN A 2 9.93 -14.48 3.28
CA GLN A 2 10.80 -13.42 2.79
C GLN A 2 10.00 -12.16 2.49
N PRO A 3 9.78 -11.31 3.51
CA PRO A 3 9.03 -10.07 3.35
C PRO A 3 9.84 -8.98 2.65
N LYS A 4 11.17 -9.10 2.72
CA LYS A 4 12.09 -8.15 2.10
C LYS A 4 12.33 -6.94 3.00
N CYS A 5 11.39 -6.69 3.91
CA CYS A 5 11.48 -5.57 4.84
C CYS A 5 11.94 -4.30 4.14
N ASN A 6 11.03 -3.67 3.40
CA ASN A 6 11.33 -2.43 2.69
C ASN A 6 10.37 -1.33 3.09
N PRO A 7 10.61 -0.69 4.24
CA PRO A 7 9.76 0.39 4.75
C PRO A 7 10.05 1.74 4.10
N ASN A 8 10.59 1.72 2.90
CA ASN A 8 10.90 2.94 2.17
C ASN A 8 9.79 3.31 1.20
N LEU A 9 9.11 2.28 0.68
CA LEU A 9 8.01 2.50 -0.26
C LEU A 9 6.69 2.68 0.47
N HIS A 10 6.52 3.84 1.11
CA HIS A 10 5.30 4.12 1.84
C HIS A 10 4.14 4.50 0.91
N TYR A 11 4.47 4.81 -0.33
CA TYR A 11 3.46 5.18 -1.32
C TYR A 11 2.77 3.95 -1.90
N TRP A 12 3.52 2.88 -2.09
CA TRP A 12 2.97 1.64 -2.64
C TRP A 12 2.57 0.67 -1.53
N THR A 13 3.14 0.84 -0.35
CA THR A 13 2.84 -0.02 0.78
C THR A 13 3.17 -1.49 0.46
N THR A 14 2.29 -2.15 -0.29
CA THR A 14 2.51 -3.54 -0.67
C THR A 14 1.32 -4.05 -1.47
N GLN A 15 0.16 -4.08 -0.83
CA GLN A 15 -1.06 -4.50 -1.50
C GLN A 15 -1.51 -3.40 -2.43
N ASP A 16 -0.93 -2.22 -2.24
CA ASP A 16 -1.24 -1.07 -3.05
C ASP A 16 -0.26 -0.94 -4.21
N GLU A 17 0.83 -1.72 -4.16
CA GLU A 17 1.85 -1.69 -5.20
C GLU A 17 1.23 -1.70 -6.59
N GLY A 18 0.04 -2.29 -6.69
CA GLY A 18 -0.64 -2.37 -7.98
C GLY A 18 -1.49 -3.62 -8.11
N ALA A 19 -2.19 -3.98 -7.04
CA ALA A 19 -3.04 -5.16 -7.05
C ALA A 19 -4.52 -4.80 -7.17
N ALA A 20 -5.00 -3.96 -6.26
CA ALA A 20 -6.39 -3.54 -6.28
C ALA A 20 -6.48 -2.04 -6.13
N ILE A 21 -5.70 -1.36 -6.95
CA ILE A 21 -5.63 0.08 -6.94
C ILE A 21 -6.55 0.72 -7.99
N GLY A 22 -7.15 -0.12 -8.83
CA GLY A 22 -8.02 0.38 -9.88
C GLY A 22 -9.16 1.26 -9.36
N LEU A 23 -9.38 1.26 -8.05
CA LEU A 23 -10.45 2.06 -7.46
C LEU A 23 -9.93 3.40 -6.93
N ALA A 24 -8.77 3.35 -6.29
CA ALA A 24 -8.17 4.55 -5.71
C ALA A 24 -7.02 5.10 -6.53
N TRP A 25 -6.73 4.47 -7.68
CA TRP A 25 -5.64 4.91 -8.52
C TRP A 25 -5.94 6.23 -9.22
N ILE A 26 -6.80 7.04 -8.62
CA ILE A 26 -7.15 8.34 -9.19
C ILE A 26 -7.72 9.26 -8.12
N PRO A 27 -6.88 9.74 -7.19
CA PRO A 27 -7.31 10.64 -6.11
C PRO A 27 -8.08 11.83 -6.64
N TYR A 28 -9.38 11.88 -6.36
CA TYR A 28 -10.22 12.98 -6.83
C TYR A 28 -10.40 14.06 -5.78
N PHE A 29 -10.87 13.68 -4.59
CA PHE A 29 -11.10 14.66 -3.53
C PHE A 29 -10.24 14.38 -2.29
N GLY A 30 -10.01 13.11 -2.01
CA GLY A 30 -9.21 12.74 -0.85
C GLY A 30 -7.72 12.78 -1.13
N PRO A 31 -6.88 12.37 -0.15
CA PRO A 31 -5.43 12.35 -0.31
C PRO A 31 -5.01 11.48 -1.50
N ALA A 32 -3.77 11.01 -1.49
CA ALA A 32 -3.27 10.17 -2.57
C ALA A 32 -4.31 9.13 -2.99
N ALA A 33 -4.94 8.50 -2.00
CA ALA A 33 -5.97 7.48 -2.25
C ALA A 33 -5.36 6.19 -2.80
N GLU A 34 -4.53 6.36 -3.82
CA GLU A 34 -3.86 5.26 -4.50
C GLU A 34 -3.42 4.15 -3.53
N GLY A 35 -3.20 4.51 -2.26
CA GLY A 35 -2.78 3.52 -1.29
C GLY A 35 -3.82 3.24 -0.21
N ILE A 36 -4.27 4.28 0.48
CA ILE A 36 -5.24 4.12 1.57
C ILE A 36 -6.68 3.95 1.09
N TYR A 37 -6.98 4.40 -0.12
CA TYR A 37 -8.33 4.27 -0.65
C TYR A 37 -8.41 3.09 -1.59
N ALA A 38 -7.25 2.62 -2.02
CA ALA A 38 -7.14 1.49 -2.92
C ALA A 38 -7.00 0.20 -2.12
N GLU A 39 -6.50 0.34 -0.89
CA GLU A 39 -6.31 -0.81 -0.01
C GLU A 39 -7.14 -0.69 1.26
N GLY A 40 -7.33 0.54 1.72
CA GLY A 40 -8.11 0.81 2.91
C GLY A 40 -7.90 -0.20 4.04
N LEU A 41 -6.65 -0.59 4.28
CA LEU A 41 -6.38 -1.55 5.36
C LEU A 41 -4.88 -1.86 5.50
N MET A 42 -4.28 -2.42 4.47
CA MET A 42 -2.85 -2.73 4.49
C MET A 42 -2.03 -1.63 3.84
N HIS A 43 -2.67 -0.50 3.58
CA HIS A 43 -2.00 0.64 2.97
C HIS A 43 -0.85 1.14 3.85
N ASN A 44 -0.79 0.66 5.09
CA ASN A 44 0.24 1.08 6.02
C ASN A 44 1.44 0.14 6.02
N GLN A 45 1.19 -1.15 5.84
CA GLN A 45 2.27 -2.13 5.83
C GLN A 45 3.17 -1.93 4.62
N ASP A 46 3.95 -0.84 4.66
CA ASP A 46 4.86 -0.50 3.58
C ASP A 46 6.26 -1.06 3.82
N GLY A 47 6.34 -2.10 4.64
CA GLY A 47 7.63 -2.69 4.95
C GLY A 47 7.89 -2.72 6.45
N LEU A 48 7.30 -1.76 7.16
CA LEU A 48 7.44 -1.68 8.60
C LEU A 48 6.92 -2.96 9.25
N ILE A 49 5.69 -3.30 8.89
CA ILE A 49 5.02 -4.48 9.39
C ILE A 49 5.52 -5.71 8.65
N CYS A 50 6.81 -5.98 8.77
CA CYS A 50 7.44 -7.12 8.13
C CYS A 50 6.70 -8.43 8.46
N GLY A 51 5.98 -8.43 9.58
CA GLY A 51 5.24 -9.62 9.99
C GLY A 51 4.37 -10.19 8.88
N LEU A 52 4.01 -9.34 7.92
CA LEU A 52 3.16 -9.76 6.81
C LEU A 52 3.73 -10.98 6.10
N ARG A 53 5.04 -10.97 5.88
CA ARG A 53 5.72 -12.08 5.20
C ARG A 53 5.10 -12.36 3.84
N GLN A 54 5.61 -13.37 3.15
CA GLN A 54 5.09 -13.74 1.83
C GLN A 54 5.26 -12.60 0.84
N ALA A 1 11.17 -16.45 8.06
CA ALA A 1 10.31 -15.56 7.23
C ALA A 1 11.13 -14.72 6.28
N GLN A 2 10.62 -14.53 5.07
CA GLN A 2 11.32 -13.73 4.08
C GLN A 2 10.40 -12.65 3.49
N PRO A 3 10.19 -11.56 4.24
CA PRO A 3 9.34 -10.45 3.80
C PRO A 3 10.10 -9.39 3.02
N LYS A 4 11.42 -9.45 3.08
CA LYS A 4 12.30 -8.49 2.39
C LYS A 4 12.43 -7.19 3.19
N CYS A 5 11.41 -6.90 3.98
CA CYS A 5 11.38 -5.70 4.80
C CYS A 5 11.88 -4.48 4.04
N ASN A 6 11.03 -3.94 3.18
CA ASN A 6 11.37 -2.76 2.39
C ASN A 6 10.48 -1.58 2.77
N PRO A 7 10.79 -0.91 3.90
CA PRO A 7 10.01 0.24 4.37
C PRO A 7 10.41 1.56 3.70
N ASN A 8 10.96 1.46 2.49
CA ASN A 8 11.39 2.65 1.75
C ASN A 8 10.31 3.09 0.76
N LEU A 9 9.54 2.13 0.27
CA LEU A 9 8.48 2.41 -0.69
C LEU A 9 7.16 2.76 0.02
N HIS A 10 7.12 3.95 0.60
CA HIS A 10 5.93 4.41 1.33
C HIS A 10 4.86 4.92 0.37
N TYR A 11 5.19 5.02 -0.91
CA TYR A 11 4.26 5.52 -1.92
C TYR A 11 3.28 4.43 -2.35
N TRP A 12 3.81 3.29 -2.79
CA TRP A 12 2.97 2.19 -3.25
C TRP A 12 2.64 1.21 -2.13
N THR A 13 3.21 1.43 -0.96
CA THR A 13 2.97 0.55 0.19
C THR A 13 3.32 -0.90 -0.15
N THR A 14 2.43 -1.58 -0.88
CA THR A 14 2.66 -2.97 -1.26
C THR A 14 1.45 -3.47 -2.03
N GLN A 15 0.32 -3.51 -1.34
CA GLN A 15 -0.93 -3.94 -1.96
C GLN A 15 -1.43 -2.86 -2.88
N ASP A 16 -0.83 -1.67 -2.76
CA ASP A 16 -1.19 -0.56 -3.59
C ASP A 16 -0.29 -0.49 -4.83
N GLU A 17 0.77 -1.28 -4.83
CA GLU A 17 1.71 -1.33 -5.94
C GLU A 17 1.00 -1.38 -7.29
N GLY A 18 -0.22 -1.93 -7.29
CA GLY A 18 -0.98 -2.04 -8.52
C GLY A 18 -1.83 -3.28 -8.56
N ALA A 19 -2.46 -3.62 -7.44
CA ALA A 19 -3.30 -4.81 -7.37
C ALA A 19 -4.78 -4.48 -7.47
N ALA A 20 -5.27 -3.67 -6.54
CA ALA A 20 -6.67 -3.27 -6.54
C ALA A 20 -6.78 -1.77 -6.36
N ILE A 21 -5.85 -1.07 -6.98
CA ILE A 21 -5.79 0.38 -6.89
C ILE A 21 -6.47 1.06 -8.08
N GLY A 22 -6.99 0.26 -9.00
CA GLY A 22 -7.64 0.81 -10.17
C GLY A 22 -8.78 1.75 -9.87
N LEU A 23 -9.25 1.77 -8.62
CA LEU A 23 -10.37 2.64 -8.24
C LEU A 23 -9.88 3.91 -7.58
N ALA A 24 -8.77 3.81 -6.83
CA ALA A 24 -8.22 4.96 -6.12
C ALA A 24 -6.99 5.54 -6.81
N TRP A 25 -6.61 4.98 -7.95
CA TRP A 25 -5.44 5.46 -8.67
C TRP A 25 -5.64 6.86 -9.25
N ILE A 26 -6.51 7.65 -8.62
CA ILE A 26 -6.77 9.02 -9.06
C ILE A 26 -7.41 9.82 -7.94
N PRO A 27 -6.62 10.15 -6.89
CA PRO A 27 -7.11 10.91 -5.73
C PRO A 27 -7.95 12.12 -6.11
N TYR A 28 -9.25 11.88 -6.32
CA TYR A 28 -10.18 12.95 -6.68
C TYR A 28 -10.91 13.48 -5.45
N PHE A 29 -11.19 12.59 -4.49
CA PHE A 29 -11.89 12.96 -3.27
C PHE A 29 -11.12 14.02 -2.48
N GLY A 30 -9.80 13.93 -2.50
CA GLY A 30 -8.98 14.88 -1.78
C GLY A 30 -7.72 14.25 -1.21
N PRO A 31 -7.84 13.12 -0.49
CA PRO A 31 -6.69 12.42 0.09
C PRO A 31 -5.89 11.69 -0.98
N ALA A 32 -5.03 10.78 -0.54
CA ALA A 32 -4.22 10.01 -1.47
C ALA A 32 -5.10 9.06 -2.27
N ALA A 33 -5.99 8.35 -1.57
CA ALA A 33 -6.90 7.41 -2.22
C ALA A 33 -6.17 6.19 -2.73
N GLU A 34 -5.15 6.45 -3.54
CA GLU A 34 -4.32 5.42 -4.16
C GLU A 34 -4.07 4.23 -3.22
N GLY A 35 -4.11 4.49 -1.91
CA GLY A 35 -3.91 3.43 -0.94
C GLY A 35 -5.06 3.35 0.05
N ILE A 36 -5.45 4.50 0.58
CA ILE A 36 -6.54 4.56 1.55
C ILE A 36 -7.92 4.35 0.93
N TYR A 37 -8.04 4.62 -0.38
CA TYR A 37 -9.31 4.44 -1.07
C TYR A 37 -9.23 3.30 -2.08
N ALA A 38 -8.02 2.79 -2.28
CA ALA A 38 -7.78 1.70 -3.20
C ALA A 38 -7.58 0.40 -2.43
N GLU A 39 -6.95 0.53 -1.27
CA GLU A 39 -6.68 -0.61 -0.41
C GLU A 39 -7.36 -0.46 0.95
N GLY A 40 -7.48 0.79 1.40
CA GLY A 40 -8.11 1.07 2.67
C GLY A 40 -7.80 0.07 3.76
N LEU A 41 -6.55 -0.39 3.84
CA LEU A 41 -6.18 -1.34 4.87
C LEU A 41 -4.67 -1.60 4.92
N MET A 42 -4.11 -2.10 3.83
CA MET A 42 -2.67 -2.38 3.78
C MET A 42 -1.90 -1.23 3.13
N HIS A 43 -2.57 -0.10 2.93
CA HIS A 43 -1.93 1.06 2.33
C HIS A 43 -0.81 1.59 3.23
N ASN A 44 -0.76 1.08 4.46
CA ASN A 44 0.26 1.53 5.41
C ASN A 44 1.47 0.61 5.44
N GLN A 45 1.23 -0.69 5.32
CA GLN A 45 2.32 -1.67 5.34
C GLN A 45 3.24 -1.48 4.14
N ASP A 46 4.02 -0.41 4.18
CA ASP A 46 4.95 -0.10 3.10
C ASP A 46 6.33 -0.69 3.38
N GLY A 47 6.39 -1.72 4.23
CA GLY A 47 7.64 -2.34 4.57
C GLY A 47 7.88 -2.34 6.06
N LEU A 48 7.31 -1.36 6.74
CA LEU A 48 7.43 -1.24 8.19
C LEU A 48 6.85 -2.48 8.87
N ILE A 49 5.56 -2.69 8.63
CA ILE A 49 4.85 -3.82 9.18
C ILE A 49 5.26 -5.11 8.48
N CYS A 50 6.49 -5.53 8.76
CA CYS A 50 7.04 -6.74 8.15
C CYS A 50 6.29 -8.00 8.60
N GLY A 51 5.40 -7.85 9.58
CA GLY A 51 4.63 -8.99 10.08
C GLY A 51 3.92 -9.78 8.99
N LEU A 52 3.89 -9.24 7.78
CA LEU A 52 3.23 -9.90 6.64
C LEU A 52 3.96 -11.17 6.19
N ARG A 53 4.66 -11.83 7.11
CA ARG A 53 5.39 -13.05 6.77
C ARG A 53 4.62 -14.29 7.21
N GLN A 54 5.27 -15.44 7.09
CA GLN A 54 4.65 -16.71 7.47
C GLN A 54 3.36 -16.95 6.69
N ALA A 1 5.25 -15.24 5.12
CA ALA A 1 5.94 -15.33 3.82
C ALA A 1 7.17 -14.43 3.78
N GLN A 2 7.79 -14.36 2.61
CA GLN A 2 8.97 -13.54 2.41
C GLN A 2 8.77 -12.64 1.19
N PRO A 3 7.99 -11.56 1.36
CA PRO A 3 7.70 -10.62 0.28
C PRO A 3 8.95 -9.91 -0.23
N LYS A 4 9.55 -9.10 0.65
CA LYS A 4 10.74 -8.34 0.34
C LYS A 4 11.00 -7.32 1.44
N CYS A 5 9.92 -6.84 2.03
CA CYS A 5 9.97 -5.88 3.11
C CYS A 5 10.75 -4.63 2.69
N ASN A 6 10.03 -3.71 2.04
CA ASN A 6 10.63 -2.45 1.59
C ASN A 6 9.98 -1.28 2.31
N PRO A 7 10.37 -1.04 3.58
CA PRO A 7 9.82 0.05 4.39
C PRO A 7 10.17 1.42 3.82
N ASN A 8 11.07 1.44 2.85
CA ASN A 8 11.50 2.68 2.21
C ASN A 8 10.48 3.13 1.16
N LEU A 9 9.70 2.19 0.64
CA LEU A 9 8.70 2.50 -0.37
C LEU A 9 7.38 2.90 0.26
N HIS A 10 7.33 4.12 0.79
CA HIS A 10 6.12 4.64 1.43
C HIS A 10 5.11 5.14 0.41
N TYR A 11 5.51 5.19 -0.86
CA TYR A 11 4.64 5.68 -1.92
C TYR A 11 3.62 4.62 -2.34
N TRP A 12 4.05 3.36 -2.37
CA TRP A 12 3.17 2.27 -2.77
C TRP A 12 2.84 1.35 -1.61
N THR A 13 3.28 1.71 -0.40
CA THR A 13 3.03 0.91 0.79
C THR A 13 3.40 -0.57 0.56
N THR A 14 2.54 -1.32 -0.13
CA THR A 14 2.80 -2.71 -0.43
C THR A 14 1.63 -3.29 -1.21
N GLN A 15 0.46 -3.29 -0.58
CA GLN A 15 -0.75 -3.77 -1.23
C GLN A 15 -1.19 -2.77 -2.27
N ASP A 16 -0.58 -1.58 -2.21
CA ASP A 16 -0.91 -0.54 -3.16
C ASP A 16 0.02 -0.60 -4.38
N GLU A 17 1.07 -1.41 -4.28
CA GLU A 17 2.04 -1.58 -5.36
C GLU A 17 1.35 -1.73 -6.71
N GLY A 18 0.11 -2.25 -6.70
CA GLY A 18 -0.62 -2.43 -7.93
C GLY A 18 -1.50 -3.67 -7.89
N ALA A 19 -2.16 -3.88 -6.76
CA ALA A 19 -3.03 -5.05 -6.60
C ALA A 19 -4.50 -4.68 -6.76
N ALA A 20 -4.98 -3.80 -5.88
CA ALA A 20 -6.37 -3.36 -5.93
C ALA A 20 -6.45 -1.86 -5.87
N ILE A 21 -5.49 -1.22 -6.53
CA ILE A 21 -5.42 0.22 -6.55
C ILE A 21 -6.08 0.83 -7.78
N GLY A 22 -6.62 -0.02 -8.65
CA GLY A 22 -7.26 0.46 -9.85
C GLY A 22 -8.41 1.42 -9.60
N LEU A 23 -8.89 1.50 -8.36
CA LEU A 23 -10.01 2.37 -8.04
C LEU A 23 -9.53 3.69 -7.43
N ALA A 24 -8.44 3.64 -6.69
CA ALA A 24 -7.89 4.83 -6.03
C ALA A 24 -6.66 5.37 -6.74
N TRP A 25 -6.24 4.72 -7.81
CA TRP A 25 -5.07 5.16 -8.55
C TRP A 25 -5.20 6.60 -9.03
N ILE A 26 -6.39 7.17 -8.91
CA ILE A 26 -6.60 8.55 -9.33
C ILE A 26 -7.38 9.33 -8.28
N PRO A 27 -6.72 9.68 -7.16
CA PRO A 27 -7.34 10.43 -6.06
C PRO A 27 -8.19 11.60 -6.55
N TYR A 28 -9.48 11.35 -6.74
CA TYR A 28 -10.41 12.38 -7.20
C TYR A 28 -11.13 13.04 -6.03
N PHE A 29 -11.26 12.30 -4.92
CA PHE A 29 -11.94 12.82 -3.74
C PHE A 29 -11.12 13.91 -3.05
N GLY A 30 -9.80 13.77 -3.08
CA GLY A 30 -8.94 14.76 -2.46
C GLY A 30 -7.67 14.16 -1.89
N PRO A 31 -7.78 13.29 -0.87
CA PRO A 31 -6.61 12.65 -0.25
C PRO A 31 -5.80 11.84 -1.25
N ALA A 32 -4.93 10.99 -0.74
CA ALA A 32 -4.08 10.16 -1.58
C ALA A 32 -4.94 9.15 -2.34
N ALA A 33 -5.82 8.47 -1.63
CA ALA A 33 -6.70 7.47 -2.22
C ALA A 33 -5.92 6.24 -2.67
N GLU A 34 -4.90 6.49 -3.47
CA GLU A 34 -4.03 5.45 -4.02
C GLU A 34 -3.78 4.31 -3.02
N GLY A 35 -3.84 4.63 -1.73
CA GLY A 35 -3.64 3.62 -0.72
C GLY A 35 -4.79 3.57 0.28
N ILE A 36 -5.22 4.73 0.75
CA ILE A 36 -6.30 4.83 1.70
C ILE A 36 -7.67 4.56 1.06
N TYR A 37 -7.78 4.75 -0.25
CA TYR A 37 -9.05 4.51 -0.94
C TYR A 37 -8.93 3.33 -1.89
N ALA A 38 -7.70 2.83 -2.05
CA ALA A 38 -7.44 1.70 -2.91
C ALA A 38 -7.25 0.44 -2.08
N GLU A 39 -6.67 0.64 -0.88
CA GLU A 39 -6.42 -0.47 0.03
C GLU A 39 -7.18 -0.27 1.34
N GLY A 40 -7.35 0.98 1.73
CA GLY A 40 -8.06 1.32 2.96
C GLY A 40 -7.81 0.35 4.11
N LEU A 41 -6.54 0.02 4.36
CA LEU A 41 -6.22 -0.89 5.47
C LEU A 41 -4.71 -1.12 5.58
N MET A 42 -4.10 -1.69 4.55
CA MET A 42 -2.66 -1.94 4.57
C MET A 42 -1.90 -0.80 3.90
N HIS A 43 -2.58 0.30 3.64
CA HIS A 43 -1.96 1.46 3.01
C HIS A 43 -0.81 2.00 3.87
N ASN A 44 -0.72 1.52 5.11
CA ASN A 44 0.33 1.97 6.02
C ASN A 44 1.53 1.06 5.99
N GLN A 45 1.30 -0.24 5.93
CA GLN A 45 2.37 -1.23 5.89
C GLN A 45 3.24 -1.02 4.66
N ASP A 46 4.04 0.03 4.71
CA ASP A 46 4.93 0.38 3.61
C ASP A 46 6.25 -0.39 3.67
N GLY A 47 6.25 -1.52 4.38
CA GLY A 47 7.45 -2.30 4.51
C GLY A 47 7.94 -2.38 5.95
N LEU A 48 7.08 -1.98 6.87
CA LEU A 48 7.39 -2.00 8.30
C LEU A 48 6.67 -3.16 8.96
N ILE A 49 5.36 -3.21 8.73
CA ILE A 49 4.51 -4.24 9.29
C ILE A 49 4.66 -5.55 8.51
N CYS A 50 5.47 -5.53 7.47
CA CYS A 50 5.72 -6.72 6.66
C CYS A 50 6.50 -7.76 7.45
N GLY A 51 6.95 -7.40 8.65
CA GLY A 51 7.72 -8.32 9.48
C GLY A 51 7.01 -9.62 9.77
N LEU A 52 5.73 -9.73 9.39
CA LEU A 52 4.95 -10.95 9.62
C LEU A 52 5.74 -12.21 9.25
N ARG A 53 5.91 -12.44 7.96
CA ARG A 53 6.64 -13.62 7.47
C ARG A 53 6.17 -14.89 8.17
N GLN A 54 6.86 -16.00 7.90
CA GLN A 54 6.52 -17.30 8.50
C GLN A 54 5.02 -17.45 8.76
N ALA A 1 9.17 -16.09 6.33
CA ALA A 1 8.80 -15.80 4.91
C ALA A 1 9.68 -14.71 4.33
N GLN A 2 9.48 -14.44 3.04
CA GLN A 2 10.25 -13.42 2.36
C GLN A 2 9.34 -12.46 1.60
N PRO A 3 8.71 -11.51 2.31
CA PRO A 3 7.81 -10.53 1.71
C PRO A 3 8.58 -9.51 0.89
N LYS A 4 9.40 -8.71 1.58
CA LYS A 4 10.21 -7.68 0.93
C LYS A 4 10.92 -6.83 1.97
N CYS A 5 10.27 -6.66 3.11
CA CYS A 5 10.81 -5.87 4.21
C CYS A 5 11.47 -4.58 3.73
N ASN A 6 10.83 -3.93 2.75
CA ASN A 6 11.35 -2.68 2.20
C ASN A 6 10.50 -1.50 2.66
N PRO A 7 10.79 -0.96 3.86
CA PRO A 7 10.05 0.18 4.42
C PRO A 7 10.35 1.49 3.70
N ASN A 8 11.32 1.45 2.77
CA ASN A 8 11.69 2.64 2.02
C ASN A 8 10.62 3.03 1.01
N LEU A 9 9.85 2.04 0.55
CA LEU A 9 8.79 2.29 -0.42
C LEU A 9 7.46 2.53 0.28
N HIS A 10 7.33 3.70 0.91
CA HIS A 10 6.10 4.06 1.62
C HIS A 10 5.09 4.69 0.69
N TYR A 11 5.49 4.96 -0.55
CA TYR A 11 4.59 5.58 -1.52
C TYR A 11 3.71 4.52 -2.22
N TRP A 12 4.13 3.27 -2.16
CA TRP A 12 3.37 2.20 -2.80
C TRP A 12 2.87 1.15 -1.80
N THR A 13 3.39 1.20 -0.58
CA THR A 13 2.99 0.25 0.47
C THR A 13 3.24 -1.19 0.01
N THR A 14 2.35 -1.73 -0.83
CA THR A 14 2.49 -3.08 -1.35
C THR A 14 1.32 -3.40 -2.26
N GLN A 15 0.13 -3.39 -1.67
CA GLN A 15 -1.08 -3.65 -2.42
C GLN A 15 -1.44 -2.42 -3.23
N ASP A 16 -0.75 -1.32 -2.94
CA ASP A 16 -0.97 -0.09 -3.66
C ASP A 16 0.03 0.04 -4.79
N GLU A 17 1.04 -0.82 -4.75
CA GLU A 17 2.08 -0.87 -5.76
C GLU A 17 1.47 -0.92 -7.16
N GLY A 18 0.25 -1.42 -7.22
CA GLY A 18 -0.45 -1.55 -8.47
C GLY A 18 -1.21 -2.86 -8.52
N ALA A 19 -1.76 -3.24 -7.37
CA ALA A 19 -2.48 -4.49 -7.23
C ALA A 19 -3.98 -4.26 -7.10
N ALA A 20 -4.35 -3.26 -6.30
CA ALA A 20 -5.75 -2.93 -6.09
C ALA A 20 -5.95 -1.43 -6.12
N ILE A 21 -5.29 -0.80 -7.07
CA ILE A 21 -5.34 0.64 -7.24
C ILE A 21 -6.38 1.07 -8.27
N GLY A 22 -6.95 0.10 -8.97
CA GLY A 22 -7.95 0.40 -9.99
C GLY A 22 -9.14 1.20 -9.48
N LEU A 23 -9.32 1.25 -8.17
CA LEU A 23 -10.45 1.98 -7.59
C LEU A 23 -10.03 3.37 -7.11
N ALA A 24 -8.82 3.48 -6.59
CA ALA A 24 -8.31 4.74 -6.06
C ALA A 24 -7.32 5.41 -7.01
N TRP A 25 -7.07 4.79 -8.15
CA TRP A 25 -6.14 5.33 -9.13
C TRP A 25 -6.51 6.76 -9.54
N ILE A 26 -7.72 7.18 -9.19
CA ILE A 26 -8.17 8.53 -9.53
C ILE A 26 -8.73 9.24 -8.30
N PRO A 27 -7.85 9.69 -7.39
CA PRO A 27 -8.26 10.38 -6.17
C PRO A 27 -9.20 11.55 -6.43
N TYR A 28 -10.50 11.29 -6.33
CA TYR A 28 -11.50 12.32 -6.56
C TYR A 28 -11.95 12.94 -5.24
N PHE A 29 -11.67 12.25 -4.13
CA PHE A 29 -12.06 12.74 -2.81
C PHE A 29 -11.16 13.87 -2.34
N GLY A 30 -9.88 13.80 -2.71
CA GLY A 30 -8.94 14.84 -2.31
C GLY A 30 -7.56 14.29 -2.00
N PRO A 31 -7.43 13.45 -0.96
CA PRO A 31 -6.15 12.86 -0.57
C PRO A 31 -5.52 12.04 -1.68
N ALA A 32 -4.53 11.25 -1.33
CA ALA A 32 -3.84 10.42 -2.31
C ALA A 32 -4.80 9.40 -2.90
N ALA A 33 -5.53 8.70 -2.02
CA ALA A 33 -6.50 7.70 -2.45
C ALA A 33 -5.83 6.48 -3.09
N GLU A 34 -5.07 6.76 -4.13
CA GLU A 34 -4.36 5.75 -4.89
C GLU A 34 -3.80 4.64 -3.99
N GLY A 35 -3.48 4.97 -2.75
CA GLY A 35 -2.93 3.99 -1.84
C GLY A 35 -3.74 3.84 -0.56
N ILE A 36 -4.44 4.90 -0.17
CA ILE A 36 -5.24 4.88 1.06
C ILE A 36 -6.71 4.57 0.79
N TYR A 37 -7.15 4.79 -0.44
CA TYR A 37 -8.55 4.51 -0.80
C TYR A 37 -8.62 3.27 -1.69
N ALA A 38 -7.47 2.86 -2.20
CA ALA A 38 -7.37 1.70 -3.06
C ALA A 38 -7.07 0.46 -2.23
N GLU A 39 -6.52 0.67 -1.04
CA GLU A 39 -6.17 -0.44 -0.15
C GLU A 39 -6.96 -0.35 1.17
N GLY A 40 -7.22 0.87 1.61
CA GLY A 40 -7.97 1.11 2.83
C GLY A 40 -7.71 0.10 3.94
N LEU A 41 -6.46 -0.32 4.12
CA LEU A 41 -6.15 -1.28 5.18
C LEU A 41 -4.65 -1.63 5.23
N MET A 42 -4.12 -2.19 4.16
CA MET A 42 -2.70 -2.55 4.12
C MET A 42 -1.86 -1.44 3.49
N HIS A 43 -2.49 -0.27 3.30
CA HIS A 43 -1.81 0.87 2.72
C HIS A 43 -0.63 1.31 3.60
N ASN A 44 -0.55 0.78 4.80
CA ASN A 44 0.50 1.16 5.73
C ASN A 44 1.68 0.18 5.69
N GLN A 45 1.38 -1.09 5.46
CA GLN A 45 2.43 -2.11 5.41
C GLN A 45 3.34 -1.89 4.21
N ASP A 46 4.16 -0.84 4.31
CA ASP A 46 5.09 -0.49 3.25
C ASP A 46 6.48 -1.08 3.50
N GLY A 47 6.53 -2.12 4.33
CA GLY A 47 7.80 -2.75 4.64
C GLY A 47 8.04 -2.78 6.14
N LEU A 48 7.51 -1.78 6.84
CA LEU A 48 7.63 -1.70 8.29
C LEU A 48 6.99 -2.92 8.93
N ILE A 49 5.69 -3.07 8.65
CA ILE A 49 4.91 -4.17 9.18
C ILE A 49 5.27 -5.47 8.47
N CYS A 50 6.51 -5.88 8.64
CA CYS A 50 7.02 -7.11 8.03
C CYS A 50 6.47 -8.36 8.74
N GLY A 51 5.79 -8.15 9.87
CA GLY A 51 5.23 -9.27 10.62
C GLY A 51 4.45 -10.23 9.75
N LEU A 52 3.97 -9.76 8.60
CA LEU A 52 3.20 -10.58 7.68
C LEU A 52 3.96 -11.84 7.27
N ARG A 53 5.28 -11.83 7.43
CA ARG A 53 6.11 -13.00 7.08
C ARG A 53 5.60 -14.27 7.76
N GLN A 54 6.42 -15.31 7.73
CA GLN A 54 6.07 -16.58 8.35
C GLN A 54 4.71 -17.06 7.88
#